data_9JRY
#
_entry.id   9JRY
#
_cell.length_a   104.551
_cell.length_b   147.131
_cell.length_c   88.076
_cell.angle_alpha   90.000
_cell.angle_beta   99.145
_cell.angle_gamma   90.000
#
_symmetry.space_group_name_H-M   'C 1 2 1'
#
loop_
_entity.id
_entity.type
_entity.pdbx_description
1 polymer FiDCB
2 non-polymer '3-[5-[(Z)-(4-ethenyl-3-methyl-5-oxidanylidene-pyrrol-2-ylidene)methyl]-2-[[5-[(Z)-(3-ethenyl-4-methyl-5-oxidanylidene-pyrrol-2-ylidene)methyl]-3-(3-hydroxy-3-oxopropyl)-4-methyl-1H-pyrrol-2-yl]methyl]-4-methyl-1H-pyrrol-3-yl]propanoic acid'
#
_entity_poly.entity_id   1
_entity_poly.type   'polypeptide(L)'
_entity_poly.pdbx_seq_one_letter_code
;MNTNKNDTAFTVDLTNCDKEPIHIPGFVQPHGVLLAIKEPELTILQVSNNTYNCLGFHPEELLNQPLRKLLESEQIDFLN
DCLTQEDIQIVNPVEFTIKTFQEPIIFDGIIHRSNGVVILELEPAILEKNNNYFRFYHLVKLAIGKLQSTKTVTEISQII
VTEVRRITGFDRVMFYRFDRDWNGIVIAEDKQEHLPSYLDLHYPASDIPTPARKLYSQNWLRLIPDADYQAAAIVPTNNP
LTDEPLDLSGSVLRSVSPCHIEYLHNMGVKASMSISIIKNNKLWGLIACHHQTPKYVPYEIRHACEFLGQVTSLEIATKE
DNEDSESKIEIKSVLAKLVEYMSAEKSFIDGLINKQPNILNLVNAQGAAICFNKELYLLGNTPEKQDIQNLLLWIHNNID
EDIFYTDSLSQVYPEAEKFKDVASGLIALSISKTQNKYVLWFRPEEVQTVNWGGNPNQPVEVSENGGLHLSPRKSFELWK
EIVRLKSLPWKSYEVNAAAELRGAIITVVLRKIDEHHHHHH
;
_entity_poly.pdbx_strand_id   A,B
#
# COMPACT_ATOMS: atom_id res chain seq x y z
N CYS A 17 -22.27 7.18 -25.67
CA CYS A 17 -20.85 6.94 -25.43
C CYS A 17 -20.67 6.10 -24.17
N ASP A 18 -21.20 6.60 -23.04
CA ASP A 18 -21.23 5.78 -21.84
C ASP A 18 -22.28 4.69 -21.92
N LYS A 19 -23.23 4.81 -22.84
CA LYS A 19 -24.20 3.75 -23.10
C LYS A 19 -23.63 2.61 -23.93
N GLU A 20 -22.54 2.86 -24.66
CA GLU A 20 -21.99 1.86 -25.56
C GLU A 20 -21.34 0.73 -24.77
N PRO A 21 -21.70 -0.52 -25.02
CA PRO A 21 -21.06 -1.64 -24.30
C PRO A 21 -19.74 -2.06 -24.92
N ILE A 22 -18.65 -1.39 -24.52
CA ILE A 22 -17.33 -1.76 -25.01
C ILE A 22 -16.91 -3.13 -24.50
N HIS A 23 -17.51 -3.61 -23.40
CA HIS A 23 -17.11 -4.88 -22.83
C HIS A 23 -17.56 -6.08 -23.66
N ILE A 24 -18.49 -5.90 -24.60
CA ILE A 24 -18.91 -6.98 -25.48
C ILE A 24 -18.89 -6.50 -26.92
N PRO A 25 -17.71 -6.23 -27.49
CA PRO A 25 -17.66 -5.76 -28.88
C PRO A 25 -17.96 -6.82 -29.92
N GLY A 26 -17.83 -8.10 -29.60
CA GLY A 26 -17.95 -9.13 -30.60
C GLY A 26 -16.74 -9.30 -31.49
N PHE A 27 -15.61 -8.71 -31.14
CA PHE A 27 -14.41 -8.73 -31.96
C PHE A 27 -13.19 -8.87 -31.06
N VAL A 28 -12.06 -9.26 -31.67
CA VAL A 28 -10.79 -9.36 -30.96
C VAL A 28 -9.69 -8.81 -31.83
N GLN A 29 -8.56 -8.48 -31.22
CA GLN A 29 -7.43 -7.98 -31.96
C GLN A 29 -6.74 -9.13 -32.71
N PRO A 30 -6.29 -8.90 -33.94
CA PRO A 30 -5.79 -10.01 -34.77
C PRO A 30 -4.62 -10.79 -34.17
N HIS A 31 -3.73 -10.13 -33.42
CA HIS A 31 -2.46 -10.76 -33.08
C HIS A 31 -2.65 -12.02 -32.23
N GLY A 32 -3.73 -12.12 -31.48
CA GLY A 32 -4.05 -13.31 -30.73
C GLY A 32 -5.28 -14.03 -31.27
N VAL A 33 -5.53 -15.21 -30.70
CA VAL A 33 -6.69 -16.02 -31.01
C VAL A 33 -7.53 -16.15 -29.75
N LEU A 34 -8.86 -16.13 -29.91
CA LEU A 34 -9.77 -16.31 -28.80
C LEU A 34 -10.59 -17.57 -29.01
N LEU A 35 -10.82 -18.31 -27.92
CA LEU A 35 -11.63 -19.53 -27.95
C LEU A 35 -12.50 -19.54 -26.70
N ALA A 36 -13.79 -19.32 -26.87
CA ALA A 36 -14.74 -19.57 -25.80
C ALA A 36 -15.07 -21.05 -25.78
N ILE A 37 -14.79 -21.72 -24.67
CA ILE A 37 -14.81 -23.16 -24.56
C ILE A 37 -15.69 -23.52 -23.37
N LYS A 38 -16.81 -24.18 -23.62
CA LYS A 38 -17.65 -24.66 -22.54
C LYS A 38 -17.00 -25.87 -21.86
N GLU A 39 -17.37 -26.07 -20.60
CA GLU A 39 -16.88 -27.17 -19.78
C GLU A 39 -18.09 -27.90 -19.20
N PRO A 40 -17.94 -29.18 -18.82
CA PRO A 40 -16.72 -30.01 -18.72
C PRO A 40 -16.22 -30.64 -20.01
N GLU A 41 -16.99 -30.66 -21.09
CA GLU A 41 -16.59 -31.38 -22.30
C GLU A 41 -15.44 -30.70 -23.02
N LEU A 42 -15.14 -29.44 -22.70
CA LEU A 42 -14.14 -28.65 -23.41
C LEU A 42 -14.45 -28.52 -24.90
N THR A 43 -15.74 -28.55 -25.23
CA THR A 43 -16.17 -28.22 -26.59
C THR A 43 -15.96 -26.75 -26.90
N ILE A 44 -15.46 -26.47 -28.09
CA ILE A 44 -15.19 -25.11 -28.54
C ILE A 44 -16.50 -24.48 -28.99
N LEU A 45 -17.04 -23.58 -28.17
CA LEU A 45 -18.32 -22.96 -28.52
C LEU A 45 -18.12 -21.77 -29.46
N GLN A 46 -17.06 -20.99 -29.28
CA GLN A 46 -16.87 -19.78 -30.08
C GLN A 46 -15.39 -19.60 -30.39
N VAL A 47 -15.11 -19.02 -31.56
CA VAL A 47 -13.76 -18.74 -32.01
C VAL A 47 -13.70 -17.36 -32.60
N SER A 48 -12.48 -16.82 -32.72
CA SER A 48 -12.26 -15.57 -33.43
C SER A 48 -12.35 -15.81 -34.93
N ASN A 49 -11.87 -14.86 -35.73
CA ASN A 49 -11.76 -15.07 -37.17
C ASN A 49 -10.34 -15.40 -37.63
N ASN A 50 -9.32 -14.91 -36.93
CA ASN A 50 -7.94 -15.23 -37.26
C ASN A 50 -7.51 -16.60 -36.75
N THR A 51 -8.47 -17.50 -36.48
CA THR A 51 -8.13 -18.87 -36.09
C THR A 51 -7.38 -19.60 -37.18
N TYR A 52 -7.62 -19.27 -38.45
CA TYR A 52 -6.89 -19.91 -39.54
C TYR A 52 -5.45 -19.45 -39.52
N ASN A 53 -5.21 -18.19 -39.90
CA ASN A 53 -3.86 -17.74 -40.20
C ASN A 53 -2.93 -17.95 -39.00
N CYS A 54 -3.47 -17.83 -37.78
CA CYS A 54 -2.63 -18.02 -36.62
C CYS A 54 -2.54 -19.49 -36.22
N LEU A 55 -3.65 -20.22 -36.25
CA LEU A 55 -3.68 -21.57 -35.71
C LEU A 55 -3.74 -22.65 -36.78
N GLY A 56 -3.82 -22.28 -38.06
CA GLY A 56 -3.92 -23.28 -39.10
C GLY A 56 -5.31 -23.81 -39.38
N PHE A 57 -6.02 -24.22 -38.34
CA PHE A 57 -7.39 -24.70 -38.51
C PHE A 57 -8.31 -23.56 -38.92
N HIS A 58 -9.19 -23.82 -39.89
CA HIS A 58 -10.17 -22.83 -40.30
C HIS A 58 -11.24 -22.67 -39.22
N PRO A 59 -11.85 -21.49 -39.13
CA PRO A 59 -12.84 -21.26 -38.04
C PRO A 59 -14.00 -22.24 -38.05
N GLU A 60 -14.46 -22.67 -39.23
CA GLU A 60 -15.49 -23.70 -39.28
C GLU A 60 -14.95 -25.06 -38.85
N GLU A 61 -13.65 -25.29 -39.04
CA GLU A 61 -13.06 -26.57 -38.65
C GLU A 61 -12.91 -26.69 -37.13
N LEU A 62 -12.97 -25.59 -36.40
CA LEU A 62 -12.80 -25.60 -34.95
C LEU A 62 -14.10 -25.55 -34.17
N LEU A 63 -15.15 -24.96 -34.74
CA LEU A 63 -16.38 -24.78 -33.98
C LEU A 63 -17.00 -26.11 -33.59
N ASN A 64 -17.45 -26.18 -32.32
CA ASN A 64 -18.11 -27.33 -31.71
C ASN A 64 -17.21 -28.55 -31.61
N GLN A 65 -16.00 -28.47 -32.14
CA GLN A 65 -15.01 -29.52 -31.91
C GLN A 65 -14.47 -29.41 -30.50
N PRO A 66 -14.26 -30.53 -29.81
CA PRO A 66 -13.66 -30.48 -28.48
C PRO A 66 -12.23 -29.94 -28.53
N LEU A 67 -11.80 -29.34 -27.43
CA LEU A 67 -10.51 -28.67 -27.37
C LEU A 67 -9.36 -29.62 -27.71
N ARG A 68 -9.58 -30.93 -27.63
CA ARG A 68 -8.61 -31.91 -28.09
C ARG A 68 -8.36 -31.83 -29.58
N LYS A 69 -9.20 -31.10 -30.33
CA LYS A 69 -9.00 -30.93 -31.76
C LYS A 69 -7.66 -30.26 -32.07
N LEU A 70 -7.15 -29.43 -31.17
CA LEU A 70 -5.90 -28.73 -31.41
C LEU A 70 -4.91 -28.80 -30.25
N LEU A 71 -5.29 -29.42 -29.12
CA LEU A 71 -4.41 -29.52 -27.97
C LEU A 71 -4.12 -30.97 -27.64
N GLU A 72 -2.92 -31.21 -27.11
CA GLU A 72 -2.52 -32.55 -26.69
C GLU A 72 -3.24 -32.95 -25.40
N SER A 73 -3.44 -34.26 -25.25
CA SER A 73 -4.15 -34.76 -24.07
C SER A 73 -3.40 -34.45 -22.78
N GLU A 74 -2.07 -34.35 -22.84
CA GLU A 74 -1.33 -33.94 -21.66
C GLU A 74 -1.54 -32.47 -21.34
N GLN A 75 -1.52 -31.61 -22.38
CA GLN A 75 -1.85 -30.20 -22.16
C GLN A 75 -3.30 -30.05 -21.71
N ILE A 76 -4.19 -30.92 -22.19
CA ILE A 76 -5.58 -30.88 -21.74
C ILE A 76 -5.70 -31.33 -20.30
N ASP A 77 -4.89 -32.30 -19.87
CA ASP A 77 -4.86 -32.67 -18.46
C ASP A 77 -4.37 -31.51 -17.61
N PHE A 78 -3.39 -30.76 -18.14
CA PHE A 78 -2.90 -29.58 -17.44
C PHE A 78 -4.01 -28.55 -17.30
N LEU A 79 -4.72 -28.27 -18.40
CA LEU A 79 -5.80 -27.29 -18.36
C LEU A 79 -6.94 -27.73 -17.46
N ASN A 80 -7.23 -29.04 -17.41
CA ASN A 80 -8.29 -29.52 -16.53
C ASN A 80 -7.89 -29.42 -15.07
N ASP A 81 -6.61 -29.66 -14.76
CA ASP A 81 -6.14 -29.41 -13.40
C ASP A 81 -6.21 -27.93 -13.06
N CYS A 82 -6.00 -27.07 -14.06
CA CYS A 82 -6.19 -25.63 -13.84
C CYS A 82 -7.66 -25.30 -13.59
N LEU A 83 -8.58 -26.05 -14.21
CA LEU A 83 -10.00 -25.82 -13.99
C LEU A 83 -10.43 -26.18 -12.57
N THR A 84 -9.74 -27.14 -11.94
CA THR A 84 -10.10 -27.56 -10.59
C THR A 84 -9.87 -26.48 -9.55
N GLN A 85 -8.97 -25.54 -9.81
CA GLN A 85 -8.65 -24.49 -8.84
C GLN A 85 -9.84 -23.56 -8.63
N GLU A 86 -9.89 -22.96 -7.43
CA GLU A 86 -10.99 -22.04 -7.11
C GLU A 86 -11.03 -20.88 -8.08
N ASP A 87 -9.87 -20.36 -8.46
CA ASP A 87 -9.74 -19.35 -9.50
C ASP A 87 -8.71 -19.85 -10.50
N ILE A 88 -9.10 -19.91 -11.78
CA ILE A 88 -8.18 -20.43 -12.79
C ILE A 88 -7.00 -19.48 -12.97
N GLN A 89 -7.19 -18.20 -12.69
CA GLN A 89 -6.17 -17.19 -12.97
C GLN A 89 -4.92 -17.37 -12.11
N ILE A 90 -4.98 -18.26 -11.11
CA ILE A 90 -3.77 -18.61 -10.36
C ILE A 90 -2.71 -19.18 -11.28
N VAL A 91 -3.13 -19.83 -12.36
CA VAL A 91 -2.21 -20.45 -13.32
C VAL A 91 -2.06 -19.61 -14.59
N ASN A 92 -2.59 -18.38 -14.59
CA ASN A 92 -3.01 -17.72 -15.82
C ASN A 92 -1.95 -17.67 -16.91
N PRO A 93 -0.67 -17.28 -16.66
CA PRO A 93 0.29 -17.24 -17.77
C PRO A 93 0.63 -18.62 -18.32
N VAL A 94 -0.36 -19.27 -18.93
CA VAL A 94 -0.17 -20.64 -19.43
C VAL A 94 0.70 -20.63 -20.67
N GLU A 95 1.36 -21.77 -20.93
CA GLU A 95 2.09 -21.98 -22.17
C GLU A 95 1.59 -23.27 -22.83
N PHE A 96 0.95 -23.13 -23.99
CA PHE A 96 0.55 -24.25 -24.82
C PHE A 96 1.43 -24.31 -26.06
N THR A 97 1.41 -25.48 -26.72
CA THR A 97 2.09 -25.64 -27.99
C THR A 97 1.18 -26.38 -28.95
N ILE A 98 1.16 -25.92 -30.20
CA ILE A 98 0.29 -26.50 -31.22
C ILE A 98 1.10 -26.88 -32.45
N GLU A 103 5.40 -28.02 -37.40
CA GLU A 103 5.28 -26.67 -36.88
C GLU A 103 4.94 -26.65 -35.40
N PRO A 104 5.96 -26.77 -34.54
CA PRO A 104 5.73 -26.68 -33.08
C PRO A 104 5.55 -25.24 -32.62
N ILE A 105 4.42 -24.64 -33.01
CA ILE A 105 4.14 -23.26 -32.63
C ILE A 105 3.91 -23.19 -31.12
N ILE A 106 4.47 -22.16 -30.49
CA ILE A 106 4.35 -21.96 -29.05
C ILE A 106 3.45 -20.76 -28.81
N PHE A 107 2.60 -20.85 -27.78
CA PHE A 107 1.66 -19.80 -27.46
C PHE A 107 1.61 -19.58 -25.95
N ASP A 108 1.79 -18.32 -25.54
CA ASP A 108 1.32 -17.91 -24.23
C ASP A 108 -0.19 -17.82 -24.26
N GLY A 109 -0.81 -18.09 -23.11
CA GLY A 109 -2.25 -18.21 -23.05
C GLY A 109 -2.80 -17.66 -21.76
N ILE A 110 -4.00 -17.10 -21.87
CA ILE A 110 -4.74 -16.53 -20.74
C ILE A 110 -6.06 -17.28 -20.62
N ILE A 111 -6.43 -17.63 -19.39
CA ILE A 111 -7.62 -18.42 -19.09
C ILE A 111 -8.47 -17.64 -18.10
N HIS A 112 -9.77 -17.49 -18.40
CA HIS A 112 -10.66 -16.90 -17.41
C HIS A 112 -12.10 -17.24 -17.72
N ARG A 113 -12.89 -17.47 -16.67
CA ARG A 113 -14.31 -17.72 -16.85
C ARG A 113 -15.05 -16.43 -17.20
N SER A 114 -16.09 -16.57 -18.03
CA SER A 114 -17.02 -15.47 -18.30
C SER A 114 -18.27 -16.07 -18.91
N ASN A 115 -19.42 -15.85 -18.26
CA ASN A 115 -20.67 -16.50 -18.63
C ASN A 115 -20.53 -18.02 -18.61
N GLY A 116 -19.73 -18.54 -17.70
CA GLY A 116 -19.48 -19.98 -17.66
C GLY A 116 -18.50 -20.52 -18.69
N VAL A 117 -18.66 -20.11 -19.95
CA VAL A 117 -17.74 -20.54 -20.99
C VAL A 117 -16.36 -19.96 -20.70
N VAL A 118 -15.37 -20.84 -20.54
CA VAL A 118 -14.02 -20.40 -20.22
C VAL A 118 -13.40 -19.79 -21.48
N ILE A 119 -12.99 -18.53 -21.39
CA ILE A 119 -12.27 -17.91 -22.49
C ILE A 119 -10.80 -18.26 -22.38
N LEU A 120 -10.25 -18.80 -23.46
CA LEU A 120 -8.82 -19.01 -23.62
C LEU A 120 -8.32 -18.07 -24.73
N GLU A 121 -7.16 -17.47 -24.50
CA GLU A 121 -6.57 -16.54 -25.45
C GLU A 121 -5.13 -16.92 -25.70
N LEU A 122 -4.75 -16.98 -26.96
CA LEU A 122 -3.42 -17.43 -27.38
C LEU A 122 -2.69 -16.29 -28.09
N GLU A 123 -1.52 -15.93 -27.58
CA GLU A 123 -0.62 -15.00 -28.22
C GLU A 123 0.72 -15.68 -28.43
N PRO A 124 1.31 -15.60 -29.62
CA PRO A 124 2.54 -16.38 -29.87
C PRO A 124 3.67 -15.99 -28.92
N ALA A 125 4.44 -16.99 -28.52
CA ALA A 125 5.49 -16.82 -27.53
C ALA A 125 6.72 -16.15 -28.13
N ILE A 126 7.50 -15.51 -27.27
CA ILE A 126 8.77 -14.91 -27.67
C ILE A 126 9.93 -15.78 -27.17
N LEU A 127 10.38 -16.69 -28.02
CA LEU A 127 11.49 -17.60 -27.72
C LEU A 127 11.31 -18.31 -26.38
N PHE A 136 11.27 -12.74 -13.39
CA PHE A 136 11.02 -11.36 -13.78
C PHE A 136 11.17 -10.43 -12.59
N TYR A 137 11.29 -11.02 -11.40
CA TYR A 137 11.32 -10.26 -10.17
C TYR A 137 12.52 -9.32 -10.10
N HIS A 138 13.61 -9.63 -10.80
CA HIS A 138 14.75 -8.73 -10.81
C HIS A 138 14.40 -7.37 -11.42
N LEU A 139 13.52 -7.36 -12.43
CA LEU A 139 13.15 -6.09 -13.05
C LEU A 139 12.35 -5.21 -12.08
N VAL A 140 11.49 -5.81 -11.27
CA VAL A 140 10.64 -5.02 -10.40
C VAL A 140 11.31 -4.72 -9.06
N LYS A 141 12.15 -5.64 -8.56
CA LYS A 141 12.65 -5.52 -7.20
C LYS A 141 13.41 -4.22 -6.97
N LEU A 142 14.05 -3.70 -8.03
CA LEU A 142 14.60 -2.35 -7.97
C LEU A 142 13.49 -1.33 -7.77
N ALA A 143 12.43 -1.42 -8.58
CA ALA A 143 11.34 -0.46 -8.49
C ALA A 143 10.58 -0.57 -7.19
N ILE A 144 10.48 -1.77 -6.60
CA ILE A 144 9.71 -1.92 -5.37
C ILE A 144 10.36 -1.13 -4.25
N GLY A 145 11.67 -1.31 -4.07
CA GLY A 145 12.36 -0.57 -3.04
C GLY A 145 12.54 0.89 -3.38
N LYS A 146 12.63 1.21 -4.67
CA LYS A 146 12.66 2.62 -5.07
C LYS A 146 11.36 3.32 -4.73
N LEU A 147 10.24 2.61 -4.82
CA LEU A 147 8.96 3.17 -4.37
C LEU A 147 8.86 3.18 -2.85
N GLN A 148 9.50 2.23 -2.18
CA GLN A 148 9.42 2.20 -0.72
C GLN A 148 10.13 3.39 -0.08
N SER A 149 11.12 3.97 -0.76
CA SER A 149 11.87 5.10 -0.24
C SER A 149 11.19 6.45 -0.51
N THR A 150 10.08 6.46 -1.24
CA THR A 150 9.41 7.70 -1.61
C THR A 150 8.74 8.35 -0.40
N LYS A 151 8.57 9.67 -0.49
CA LYS A 151 7.89 10.47 0.53
C LYS A 151 6.56 11.04 0.06
N THR A 152 6.51 11.58 -1.16
CA THR A 152 5.32 12.23 -1.69
C THR A 152 4.81 11.47 -2.92
N VAL A 153 3.53 11.71 -3.24
CA VAL A 153 2.90 11.02 -4.37
C VAL A 153 3.59 11.37 -5.68
N THR A 154 4.06 12.62 -5.83
CA THR A 154 4.74 12.99 -7.07
C THR A 154 6.05 12.24 -7.25
N GLU A 155 6.74 11.94 -6.15
CA GLU A 155 7.93 11.09 -6.25
C GLU A 155 7.56 9.70 -6.76
N ILE A 156 6.46 9.15 -6.27
CA ILE A 156 5.99 7.85 -6.75
C ILE A 156 5.67 7.94 -8.22
N SER A 157 5.09 9.06 -8.66
CA SER A 157 4.68 9.21 -10.05
C SER A 157 5.89 9.25 -10.97
N GLN A 158 6.87 10.09 -10.64
CA GLN A 158 8.05 10.19 -11.48
C GLN A 158 8.85 8.89 -11.47
N ILE A 159 9.01 8.27 -10.30
CA ILE A 159 9.78 7.03 -10.24
C ILE A 159 9.09 5.93 -11.02
N ILE A 160 7.75 5.86 -10.96
CA ILE A 160 7.07 4.76 -11.63
C ILE A 160 7.05 4.99 -13.13
N VAL A 161 6.92 6.24 -13.59
CA VAL A 161 6.94 6.44 -15.04
C VAL A 161 8.33 6.13 -15.60
N THR A 162 9.38 6.51 -14.86
CA THR A 162 10.72 6.20 -15.34
C THR A 162 10.97 4.69 -15.33
N GLU A 163 10.51 3.99 -14.30
CA GLU A 163 10.77 2.56 -14.22
C GLU A 163 9.94 1.79 -15.25
N VAL A 164 8.69 2.19 -15.46
CA VAL A 164 7.88 1.52 -16.47
C VAL A 164 8.43 1.78 -17.86
N ARG A 165 8.99 2.97 -18.10
CA ARG A 165 9.62 3.22 -19.38
C ARG A 165 10.89 2.39 -19.55
N ARG A 166 11.67 2.24 -18.49
CA ARG A 166 12.90 1.44 -18.60
C ARG A 166 12.58 -0.04 -18.79
N ILE A 167 11.51 -0.53 -18.16
CA ILE A 167 11.15 -1.93 -18.29
C ILE A 167 10.51 -2.20 -19.65
N THR A 168 9.63 -1.30 -20.10
CA THR A 168 8.90 -1.53 -21.34
C THR A 168 9.67 -1.05 -22.56
N GLY A 169 10.30 0.11 -22.46
CA GLY A 169 10.89 0.73 -23.63
C GLY A 169 9.92 1.54 -24.47
N PHE A 170 8.73 1.84 -23.97
CA PHE A 170 7.77 2.64 -24.72
C PHE A 170 8.32 4.05 -24.97
N ASP A 171 7.89 4.64 -26.08
CA ASP A 171 8.31 6.00 -26.43
C ASP A 171 7.80 7.03 -25.43
N ARG A 172 6.68 6.76 -24.78
CA ARG A 172 6.08 7.72 -23.85
C ARG A 172 5.34 6.98 -22.75
N VAL A 173 5.51 7.46 -21.51
CA VAL A 173 4.86 6.89 -20.33
C VAL A 173 4.41 8.05 -19.46
N MET A 174 3.10 8.20 -19.29
CA MET A 174 2.52 9.31 -18.55
C MET A 174 1.71 8.78 -17.38
N PHE A 175 2.00 9.28 -16.19
CA PHE A 175 1.13 9.09 -15.04
C PHE A 175 0.06 10.17 -15.05
N TYR A 176 -1.21 9.73 -14.92
CA TYR A 176 -2.40 10.46 -15.35
C TYR A 176 -3.42 10.29 -14.22
N ARG A 177 -3.46 11.27 -13.30
CA ARG A 177 -4.34 11.19 -12.14
C ARG A 177 -5.73 11.71 -12.47
N PHE A 178 -6.74 11.03 -11.91
CA PHE A 178 -8.12 11.50 -12.01
C PHE A 178 -8.44 12.42 -10.83
N ASP A 179 -9.27 13.43 -11.08
CA ASP A 179 -9.63 14.40 -10.07
C ASP A 179 -11.03 14.12 -9.54
N ARG A 180 -11.57 15.06 -8.77
CA ARG A 180 -12.91 14.88 -8.19
C ARG A 180 -13.98 14.81 -9.26
N ASP A 181 -13.77 15.47 -10.40
CA ASP A 181 -14.68 15.41 -11.54
C ASP A 181 -14.26 14.37 -12.57
N TRP A 182 -13.33 13.48 -12.21
CA TRP A 182 -12.81 12.42 -13.07
C TRP A 182 -12.15 12.97 -14.35
N ASN A 183 -11.70 14.22 -14.31
CA ASN A 183 -10.83 14.72 -15.36
C ASN A 183 -9.43 14.13 -15.20
N GLY A 184 -8.78 13.90 -16.33
CA GLY A 184 -7.39 13.49 -16.29
C GLY A 184 -6.43 14.65 -16.18
N ILE A 185 -5.19 14.33 -15.83
CA ILE A 185 -4.09 15.29 -15.82
C ILE A 185 -2.78 14.53 -15.76
N VAL A 186 -1.84 14.90 -16.64
CA VAL A 186 -0.56 14.19 -16.73
C VAL A 186 0.32 14.66 -15.58
N ILE A 187 0.16 14.02 -14.42
CA ILE A 187 0.97 14.39 -13.26
C ILE A 187 2.44 14.02 -13.44
N ALA A 188 2.74 13.04 -14.29
CA ALA A 188 4.14 12.69 -14.49
C ALA A 188 4.34 12.20 -15.91
N GLU A 189 5.59 12.29 -16.39
CA GLU A 189 5.89 11.93 -17.76
C GLU A 189 7.34 11.51 -17.91
N ASP A 190 7.56 10.52 -18.77
CA ASP A 190 8.89 10.09 -19.20
C ASP A 190 8.76 9.68 -20.66
N LYS A 191 9.51 10.33 -21.54
CA LYS A 191 9.22 10.26 -22.97
C LYS A 191 10.52 10.35 -23.75
N GLN A 192 10.40 10.13 -25.06
CA GLN A 192 11.49 10.43 -25.98
C GLN A 192 11.81 11.92 -25.91
N GLU A 193 13.09 12.25 -25.99
CA GLU A 193 13.50 13.65 -25.85
C GLU A 193 12.97 14.50 -26.99
N HIS A 194 12.80 13.92 -28.18
CA HIS A 194 12.28 14.68 -29.32
C HIS A 194 10.76 14.82 -29.30
N LEU A 195 10.06 14.05 -28.46
CA LEU A 195 8.61 14.15 -28.37
C LEU A 195 8.17 15.39 -27.59
N PRO A 196 7.02 15.97 -27.94
CA PRO A 196 6.46 17.04 -27.11
C PRO A 196 6.06 16.53 -25.74
N SER A 197 6.20 17.39 -24.74
CA SER A 197 5.79 17.06 -23.38
C SER A 197 4.32 17.41 -23.18
N TYR A 198 3.58 16.49 -22.56
CA TYR A 198 2.19 16.72 -22.20
C TYR A 198 2.02 16.98 -20.71
N LEU A 199 3.08 17.43 -20.05
CA LEU A 199 3.09 17.50 -18.60
C LEU A 199 2.05 18.47 -18.06
N ASP A 200 1.33 18.04 -17.02
CA ASP A 200 0.34 18.86 -16.34
C ASP A 200 -0.73 19.40 -17.29
N LEU A 201 -1.02 18.66 -18.35
CA LEU A 201 -2.13 18.98 -19.23
C LEU A 201 -3.38 18.26 -18.71
N HIS A 202 -4.44 19.03 -18.48
CA HIS A 202 -5.71 18.44 -18.08
C HIS A 202 -6.47 17.92 -19.30
N TYR A 203 -7.19 16.82 -19.11
CA TYR A 203 -8.07 16.27 -20.12
C TYR A 203 -9.46 16.10 -19.53
N PRO A 204 -10.50 16.31 -20.35
CA PRO A 204 -11.87 16.20 -19.85
C PRO A 204 -12.23 14.77 -19.44
N ALA A 205 -13.14 14.68 -18.48
CA ALA A 205 -13.65 13.37 -18.08
C ALA A 205 -14.34 12.64 -19.22
N SER A 206 -14.82 13.37 -20.23
CA SER A 206 -15.45 12.74 -21.39
C SER A 206 -14.47 11.86 -22.15
N ASP A 207 -13.18 12.16 -22.08
CA ASP A 207 -12.19 11.41 -22.86
C ASP A 207 -12.12 9.95 -22.44
N ILE A 208 -12.42 9.65 -21.18
CA ILE A 208 -12.46 8.28 -20.69
C ILE A 208 -13.86 8.03 -20.12
N PRO A 209 -14.75 7.44 -20.91
CA PRO A 209 -16.14 7.27 -20.48
C PRO A 209 -16.27 6.23 -19.37
N THR A 210 -17.47 6.20 -18.79
CA THR A 210 -17.73 5.33 -17.65
C THR A 210 -17.42 3.86 -17.92
N PRO A 211 -17.88 3.24 -19.03
CA PRO A 211 -17.51 1.83 -19.24
C PRO A 211 -16.01 1.60 -19.31
N ALA A 212 -15.26 2.56 -19.87
CA ALA A 212 -13.82 2.41 -19.91
C ALA A 212 -13.22 2.47 -18.52
N ARG A 213 -13.74 3.35 -17.66
CA ARG A 213 -13.25 3.42 -16.29
C ARG A 213 -13.60 2.16 -15.51
N LYS A 214 -14.76 1.55 -15.79
CA LYS A 214 -15.09 0.30 -15.09
C LYS A 214 -14.18 -0.83 -15.55
N LEU A 215 -13.93 -0.93 -16.86
CA LEU A 215 -13.02 -1.96 -17.34
C LEU A 215 -11.59 -1.74 -16.83
N TYR A 216 -11.18 -0.48 -16.67
CA TYR A 216 -9.89 -0.22 -16.05
C TYR A 216 -9.89 -0.59 -14.57
N SER A 217 -11.03 -0.42 -13.89
CA SER A 217 -11.13 -0.84 -12.49
C SER A 217 -11.05 -2.35 -12.35
N GLN A 218 -11.55 -3.09 -13.34
CA GLN A 218 -11.52 -4.55 -13.30
C GLN A 218 -10.29 -5.17 -13.95
N ASN A 219 -9.49 -4.39 -14.67
CA ASN A 219 -8.33 -4.90 -15.39
C ASN A 219 -7.09 -4.14 -14.95
N TRP A 220 -6.09 -4.87 -14.45
CA TRP A 220 -4.83 -4.23 -14.07
C TRP A 220 -4.11 -3.66 -15.28
N LEU A 221 -4.30 -4.26 -16.46
CA LEU A 221 -3.52 -3.91 -17.63
C LEU A 221 -4.41 -3.98 -18.86
N ARG A 222 -4.19 -3.04 -19.78
CA ARG A 222 -4.92 -2.98 -21.05
C ARG A 222 -3.91 -2.76 -22.17
N LEU A 223 -4.09 -3.47 -23.29
CA LEU A 223 -3.06 -3.51 -24.32
C LEU A 223 -3.67 -3.38 -25.71
N ILE A 224 -3.05 -2.53 -26.52
CA ILE A 224 -3.37 -2.32 -27.93
C ILE A 224 -2.06 -2.40 -28.70
N PRO A 225 -1.59 -3.61 -29.04
CA PRO A 225 -0.25 -3.73 -29.67
C PRO A 225 -0.09 -2.96 -30.96
N ASP A 226 -1.15 -2.83 -31.77
CA ASP A 226 -1.08 -2.12 -33.03
C ASP A 226 -2.39 -1.38 -33.24
N ALA A 227 -2.31 -0.05 -33.34
CA ALA A 227 -3.50 0.77 -33.52
C ALA A 227 -4.19 0.51 -34.86
N ASP A 228 -3.46 0.01 -35.85
CA ASP A 228 -4.00 -0.29 -37.16
C ASP A 228 -4.66 -1.65 -37.23
N TYR A 229 -4.93 -2.27 -36.09
CA TYR A 229 -5.40 -3.65 -36.06
C TYR A 229 -6.74 -3.80 -36.78
N GLN A 230 -6.84 -4.86 -37.58
CA GLN A 230 -8.08 -5.23 -38.24
C GLN A 230 -8.79 -6.26 -37.36
N ALA A 231 -9.89 -5.85 -36.73
CA ALA A 231 -10.54 -6.71 -35.75
C ALA A 231 -11.06 -7.99 -36.40
N ALA A 232 -10.83 -9.12 -35.73
CA ALA A 232 -11.36 -10.41 -36.13
C ALA A 232 -12.61 -10.71 -35.30
N ALA A 233 -13.71 -11.01 -35.98
CA ALA A 233 -14.98 -11.23 -35.30
C ALA A 233 -14.99 -12.55 -34.55
N ILE A 234 -15.73 -12.56 -33.45
CA ILE A 234 -16.01 -13.80 -32.70
C ILE A 234 -17.23 -14.45 -33.33
N VAL A 235 -17.03 -15.59 -33.98
CA VAL A 235 -18.08 -16.30 -34.69
C VAL A 235 -18.36 -17.60 -33.94
N PRO A 236 -19.61 -17.86 -33.52
CA PRO A 236 -20.80 -17.00 -33.58
C PRO A 236 -20.72 -15.80 -32.64
N THR A 237 -21.41 -14.70 -32.96
CA THR A 237 -21.35 -13.52 -32.11
C THR A 237 -21.93 -13.81 -30.72
N ASN A 238 -22.91 -14.70 -30.63
CA ASN A 238 -23.52 -15.07 -29.37
C ASN A 238 -23.16 -16.51 -29.00
N ASN A 239 -23.22 -16.80 -27.71
CA ASN A 239 -22.91 -18.16 -27.25
C ASN A 239 -23.95 -19.13 -27.78
N PRO A 240 -23.53 -20.24 -28.39
CA PRO A 240 -24.52 -21.16 -28.99
C PRO A 240 -25.55 -21.70 -28.02
N LEU A 241 -25.17 -21.92 -26.75
CA LEU A 241 -26.10 -22.48 -25.78
C LEU A 241 -26.97 -21.41 -25.12
N THR A 242 -26.37 -20.31 -24.69
CA THR A 242 -27.08 -19.31 -23.90
C THR A 242 -27.60 -18.13 -24.70
N ASP A 243 -27.16 -17.98 -25.96
CA ASP A 243 -27.48 -16.86 -26.84
C ASP A 243 -26.93 -15.53 -26.31
N GLU A 244 -26.29 -15.51 -25.15
CA GLU A 244 -25.74 -14.27 -24.63
C GLU A 244 -24.49 -13.87 -25.42
N PRO A 245 -24.26 -12.58 -25.62
CA PRO A 245 -22.96 -12.15 -26.16
C PRO A 245 -21.84 -12.50 -25.19
N LEU A 246 -20.67 -12.83 -25.75
CA LEU A 246 -19.53 -13.20 -24.94
C LEU A 246 -19.01 -11.99 -24.18
N ASP A 247 -18.95 -12.09 -22.85
CA ASP A 247 -18.44 -11.00 -22.03
C ASP A 247 -16.92 -10.99 -22.11
N LEU A 248 -16.35 -9.87 -22.56
CA LEU A 248 -14.92 -9.77 -22.83
C LEU A 248 -14.24 -8.76 -21.92
N SER A 249 -14.81 -8.50 -20.74
CA SER A 249 -14.23 -7.53 -19.83
C SER A 249 -12.84 -7.93 -19.39
N GLY A 250 -12.66 -9.20 -19.03
CA GLY A 250 -11.37 -9.75 -18.66
C GLY A 250 -10.53 -10.22 -19.82
N SER A 251 -11.06 -10.13 -21.03
CA SER A 251 -10.32 -10.59 -22.21
C SER A 251 -9.19 -9.62 -22.53
N VAL A 252 -7.96 -10.15 -22.61
CA VAL A 252 -6.81 -9.30 -22.95
C VAL A 252 -6.79 -8.95 -24.43
N LEU A 253 -7.54 -9.69 -25.25
CA LEU A 253 -7.60 -9.46 -26.69
C LEU A 253 -8.83 -8.66 -27.11
N ARG A 254 -9.52 -8.04 -26.15
CA ARG A 254 -10.79 -7.39 -26.44
C ARG A 254 -10.61 -6.27 -27.46
N SER A 255 -11.59 -6.15 -28.36
CA SER A 255 -11.52 -5.13 -29.40
C SER A 255 -11.56 -3.73 -28.79
N VAL A 256 -10.74 -2.83 -29.33
CA VAL A 256 -10.76 -1.45 -28.90
C VAL A 256 -11.98 -0.74 -29.47
N SER A 257 -12.48 0.25 -28.75
CA SER A 257 -13.54 1.09 -29.28
C SER A 257 -13.00 1.91 -30.45
N PRO A 258 -13.70 1.96 -31.58
CA PRO A 258 -13.25 2.83 -32.69
C PRO A 258 -13.15 4.29 -32.29
N CYS A 259 -14.02 4.73 -31.36
CA CYS A 259 -13.97 6.08 -30.82
C CYS A 259 -12.62 6.39 -30.20
N HIS A 260 -11.89 5.37 -29.74
CA HIS A 260 -10.54 5.56 -29.20
C HIS A 260 -9.44 5.21 -30.21
N ILE A 261 -9.69 4.28 -31.13
CA ILE A 261 -8.69 3.95 -32.13
C ILE A 261 -8.44 5.15 -33.04
N GLU A 262 -9.50 5.90 -33.35
CA GLU A 262 -9.31 7.12 -34.14
C GLU A 262 -8.49 8.14 -33.38
N TYR A 263 -8.67 8.21 -32.06
CA TYR A 263 -7.89 9.13 -31.24
C TYR A 263 -6.41 8.74 -31.23
N LEU A 264 -6.14 7.43 -31.13
CA LEU A 264 -4.75 6.99 -31.20
C LEU A 264 -4.15 7.27 -32.56
N HIS A 265 -4.95 7.16 -33.63
CA HIS A 265 -4.46 7.50 -34.96
C HIS A 265 -4.17 8.98 -35.09
N ASN A 266 -4.95 9.84 -34.42
CA ASN A 266 -4.66 11.27 -34.47
C ASN A 266 -3.32 11.60 -33.84
N MET A 267 -2.93 10.89 -32.78
CA MET A 267 -1.71 11.17 -32.05
C MET A 267 -0.50 10.42 -32.59
N GLY A 268 -0.68 9.55 -33.59
CA GLY A 268 0.42 8.75 -34.07
C GLY A 268 0.79 7.59 -33.18
N VAL A 269 -0.09 7.22 -32.25
CA VAL A 269 0.18 6.19 -31.25
C VAL A 269 -0.14 4.83 -31.88
N LYS A 270 0.88 4.15 -32.38
CA LYS A 270 0.70 2.81 -32.96
C LYS A 270 0.75 1.69 -31.92
N ALA A 271 1.08 1.99 -30.66
CA ALA A 271 1.02 0.98 -29.62
C ALA A 271 0.62 1.62 -28.31
N SER A 272 -0.23 0.94 -27.55
CA SER A 272 -0.76 1.52 -26.32
C SER A 272 -0.79 0.47 -25.20
N MET A 273 -0.47 0.91 -23.99
CA MET A 273 -0.54 0.03 -22.82
C MET A 273 -0.90 0.86 -21.59
N SER A 274 -2.02 0.54 -20.96
CA SER A 274 -2.47 1.25 -19.76
C SER A 274 -2.33 0.35 -18.53
N ILE A 275 -1.79 0.93 -17.45
CA ILE A 275 -1.73 0.30 -16.15
C ILE A 275 -2.68 1.06 -15.23
N SER A 276 -3.63 0.35 -14.63
CA SER A 276 -4.70 0.97 -13.86
C SER A 276 -4.26 1.16 -12.42
N ILE A 277 -3.99 2.39 -12.02
CA ILE A 277 -3.65 2.71 -10.64
C ILE A 277 -4.96 2.79 -9.87
N ILE A 278 -5.18 1.87 -8.94
CA ILE A 278 -6.44 1.72 -8.24
C ILE A 278 -6.25 2.02 -6.76
N LYS A 279 -7.21 2.74 -6.18
CA LYS A 279 -7.24 3.02 -4.74
C LYS A 279 -8.68 2.98 -4.28
N ASN A 280 -8.90 2.39 -3.10
CA ASN A 280 -10.25 2.20 -2.55
C ASN A 280 -11.14 1.46 -3.54
N ASN A 281 -10.56 0.49 -4.25
CA ASN A 281 -11.26 -0.29 -5.27
C ASN A 281 -11.89 0.60 -6.33
N LYS A 282 -11.16 1.64 -6.75
CA LYS A 282 -11.64 2.55 -7.78
C LYS A 282 -10.43 3.19 -8.46
N LEU A 283 -10.65 3.66 -9.68
CA LEU A 283 -9.57 4.07 -10.57
C LEU A 283 -8.95 5.39 -10.14
N TRP A 284 -7.94 5.32 -9.27
CA TRP A 284 -7.25 6.52 -8.82
C TRP A 284 -6.51 7.20 -9.96
N GLY A 285 -6.14 6.45 -10.99
CA GLY A 285 -5.36 7.02 -12.07
C GLY A 285 -4.97 5.96 -13.07
N LEU A 286 -4.18 6.39 -14.05
CA LEU A 286 -3.71 5.51 -15.11
C LEU A 286 -2.26 5.81 -15.41
N ILE A 287 -1.59 4.83 -15.99
CA ILE A 287 -0.25 4.98 -16.53
C ILE A 287 -0.33 4.59 -17.99
N ALA A 288 -0.29 5.58 -18.87
CA ALA A 288 -0.44 5.36 -20.30
C ALA A 288 0.93 5.27 -20.97
N CYS A 289 1.12 4.25 -21.80
CA CYS A 289 2.36 4.03 -22.52
C CYS A 289 2.04 4.04 -24.01
N HIS A 290 2.49 5.08 -24.69
CA HIS A 290 2.28 5.23 -26.13
C HIS A 290 3.59 5.03 -26.87
N HIS A 291 3.53 4.27 -27.97
CA HIS A 291 4.70 3.94 -28.76
C HIS A 291 4.42 4.26 -30.21
N GLN A 292 5.34 5.01 -30.83
CA GLN A 292 5.14 5.43 -32.21
C GLN A 292 5.21 4.27 -33.18
N THR A 293 6.15 3.33 -32.97
CA THR A 293 6.02 2.11 -33.75
C THR A 293 5.11 1.13 -33.03
N PRO A 294 4.38 0.27 -33.75
CA PRO A 294 3.59 -0.76 -33.08
C PRO A 294 4.49 -1.69 -32.28
N LYS A 295 4.00 -2.12 -31.12
CA LYS A 295 4.85 -2.84 -30.17
C LYS A 295 4.06 -3.91 -29.45
N TYR A 296 4.60 -5.12 -29.42
CA TYR A 296 4.05 -6.24 -28.67
C TYR A 296 4.79 -6.36 -27.34
N VAL A 297 4.05 -6.47 -26.25
CA VAL A 297 4.62 -6.48 -24.90
C VAL A 297 4.76 -7.94 -24.46
N PRO A 298 5.97 -8.41 -24.17
CA PRO A 298 6.13 -9.79 -23.70
C PRO A 298 5.43 -10.03 -22.37
N TYR A 299 4.94 -11.26 -22.19
CA TYR A 299 4.21 -11.60 -20.97
C TYR A 299 5.07 -11.42 -19.72
N GLU A 300 6.38 -11.66 -19.83
CA GLU A 300 7.24 -11.40 -18.68
C GLU A 300 7.35 -9.92 -18.37
N ILE A 301 7.14 -9.06 -19.36
CA ILE A 301 7.09 -7.62 -19.11
C ILE A 301 5.70 -7.22 -18.59
N ARG A 302 4.65 -7.82 -19.13
CA ARG A 302 3.31 -7.54 -18.62
C ARG A 302 3.18 -7.96 -17.16
N HIS A 303 3.86 -9.06 -16.80
CA HIS A 303 3.86 -9.49 -15.41
C HIS A 303 4.63 -8.50 -14.54
N ALA A 304 5.72 -7.94 -15.07
CA ALA A 304 6.50 -6.97 -14.30
C ALA A 304 5.74 -5.65 -14.13
N CYS A 305 4.99 -5.24 -15.15
CA CYS A 305 4.29 -3.97 -15.08
C CYS A 305 3.00 -4.08 -14.30
N GLU A 306 2.26 -5.17 -14.51
CA GLU A 306 1.03 -5.38 -13.76
C GLU A 306 1.30 -5.52 -12.27
N PHE A 307 2.43 -6.14 -11.91
CA PHE A 307 2.85 -6.18 -10.51
C PHE A 307 3.27 -4.80 -10.02
N LEU A 308 3.86 -3.97 -10.90
CA LEU A 308 4.24 -2.63 -10.49
C LEU A 308 3.03 -1.76 -10.20
N GLY A 309 1.88 -2.09 -10.79
CA GLY A 309 0.67 -1.34 -10.49
C GLY A 309 0.18 -1.59 -9.08
N GLN A 310 0.32 -2.83 -8.59
CA GLN A 310 -0.08 -3.11 -7.22
C GLN A 310 0.83 -2.41 -6.22
N VAL A 311 2.11 -2.24 -6.56
CA VAL A 311 3.03 -1.54 -5.66
C VAL A 311 2.75 -0.04 -5.69
N THR A 312 2.57 0.51 -6.89
CA THR A 312 2.26 1.93 -7.00
C THR A 312 0.90 2.24 -6.41
N SER A 313 -0.08 1.35 -6.59
CA SER A 313 -1.39 1.59 -6.00
C SER A 313 -1.36 1.57 -4.48
N LEU A 314 -0.47 0.75 -3.89
CA LEU A 314 -0.38 0.72 -2.44
C LEU A 314 0.45 1.88 -1.90
N GLU A 315 1.57 2.18 -2.55
CA GLU A 315 2.41 3.28 -2.08
C GLU A 315 1.69 4.62 -2.19
N ILE A 316 0.85 4.76 -3.21
CA ILE A 316 0.09 6.01 -3.37
C ILE A 316 -0.99 6.12 -2.30
N ALA A 317 -1.75 5.04 -2.10
CA ALA A 317 -2.80 5.07 -1.09
C ALA A 317 -2.23 5.22 0.31
N THR A 318 -1.02 4.71 0.55
CA THR A 318 -0.40 4.84 1.86
C THR A 318 0.16 6.24 2.07
N LYS A 319 0.88 6.78 1.07
CA LYS A 319 1.42 8.12 1.20
C LYS A 319 0.31 9.17 1.26
N GLU A 320 -0.82 8.91 0.60
CA GLU A 320 -1.89 9.92 0.57
C GLU A 320 -2.56 10.05 1.94
N ASP A 321 -2.80 8.93 2.61
CA ASP A 321 -3.39 9.00 3.94
C ASP A 321 -2.43 9.59 4.97
N ASN A 322 -1.12 9.43 4.76
CA ASN A 322 -0.16 10.03 5.67
C ASN A 322 -0.18 11.56 5.55
N GLU A 323 -0.25 12.08 4.33
CA GLU A 323 -0.34 13.53 4.16
C GLU A 323 -1.67 14.06 4.67
N ASP A 324 -2.73 13.24 4.63
CA ASP A 324 -4.04 13.72 5.03
C ASP A 324 -4.24 13.62 6.54
N SER A 325 -3.91 12.46 7.13
CA SER A 325 -4.09 12.30 8.57
C SER A 325 -3.14 13.20 9.34
N GLU A 326 -1.91 13.36 8.86
CA GLU A 326 -1.00 14.30 9.48
C GLU A 326 -1.50 15.74 9.34
N SER A 327 -2.15 16.06 8.22
CA SER A 327 -2.80 17.36 8.11
C SER A 327 -4.00 17.46 9.03
N LYS A 328 -4.72 16.35 9.22
CA LYS A 328 -5.92 16.39 10.05
C LYS A 328 -5.57 16.45 11.53
N ILE A 329 -4.56 15.68 11.95
CA ILE A 329 -4.10 15.76 13.34
C ILE A 329 -3.47 17.12 13.61
N GLU A 330 -2.81 17.72 12.63
CA GLU A 330 -2.17 19.01 12.84
C GLU A 330 -3.22 20.12 13.03
N ILE A 331 -4.28 20.11 12.22
CA ILE A 331 -5.36 21.06 12.41
C ILE A 331 -6.06 20.82 13.74
N LYS A 332 -6.16 19.55 14.16
CA LYS A 332 -6.73 19.25 15.46
C LYS A 332 -5.88 19.76 16.61
N SER A 333 -4.56 19.80 16.43
CA SER A 333 -3.69 20.22 17.52
C SER A 333 -3.71 21.72 17.71
N VAL A 334 -3.69 22.49 16.62
CA VAL A 334 -3.67 23.94 16.74
C VAL A 334 -4.97 24.45 17.35
N LEU A 335 -6.09 23.75 17.11
CA LEU A 335 -7.31 24.12 17.82
C LEU A 335 -7.17 23.88 19.31
N ALA A 336 -6.44 22.84 19.71
CA ALA A 336 -6.27 22.57 21.14
C ALA A 336 -5.43 23.65 21.81
N LYS A 337 -4.38 24.13 21.13
CA LYS A 337 -3.59 25.23 21.68
C LYS A 337 -4.42 26.50 21.76
N LEU A 338 -5.34 26.70 20.82
CA LEU A 338 -6.23 27.86 20.89
C LEU A 338 -7.18 27.76 22.07
N VAL A 339 -7.69 26.55 22.34
CA VAL A 339 -8.64 26.38 23.43
C VAL A 339 -7.97 26.64 24.78
N GLU A 340 -6.73 26.19 24.94
CA GLU A 340 -6.02 26.44 26.19
C GLU A 340 -5.65 27.92 26.34
N TYR A 341 -5.48 28.63 25.21
CA TYR A 341 -5.16 30.05 25.30
C TYR A 341 -6.33 30.85 25.85
N MET A 342 -7.56 30.42 25.57
CA MET A 342 -8.74 31.14 26.03
C MET A 342 -9.47 30.34 27.09
N ILE A 349 -10.64 36.33 23.08
CA ILE A 349 -10.04 37.17 22.05
C ILE A 349 -8.53 37.22 22.23
N ASP A 350 -8.08 36.95 23.46
CA ASP A 350 -6.68 37.11 23.81
C ASP A 350 -5.79 36.18 22.99
N GLY A 351 -5.94 34.87 23.17
CA GLY A 351 -5.05 33.93 22.50
C GLY A 351 -5.37 33.62 21.06
N LEU A 352 -6.55 34.03 20.57
CA LEU A 352 -6.92 33.73 19.19
C LEU A 352 -6.05 34.47 18.20
N ILE A 353 -5.72 35.73 18.48
CA ILE A 353 -5.02 36.59 17.51
C ILE A 353 -3.60 36.90 17.93
N ASN A 354 -3.14 36.39 19.07
CA ASN A 354 -1.87 36.84 19.64
C ASN A 354 -0.83 35.74 19.69
N LYS A 355 -1.07 34.64 20.42
CA LYS A 355 -0.06 33.62 20.63
C LYS A 355 0.14 32.78 19.36
N GLN A 356 1.24 32.03 19.36
CA GLN A 356 1.82 31.48 18.13
C GLN A 356 0.84 30.67 17.28
N PRO A 357 0.07 29.70 17.83
CA PRO A 357 -1.00 29.11 17.01
C PRO A 357 -2.23 30.01 17.02
N ASN A 358 -2.30 30.93 16.07
CA ASN A 358 -3.38 31.92 16.02
C ASN A 358 -4.56 31.39 15.22
N ILE A 359 -5.64 32.17 15.20
CA ILE A 359 -6.92 31.71 14.66
C ILE A 359 -6.82 31.39 13.18
N LEU A 360 -6.00 32.12 12.42
CA LEU A 360 -5.91 31.83 10.99
C LEU A 360 -5.04 30.62 10.69
N ASN A 361 -4.23 30.16 11.65
CA ASN A 361 -3.54 28.88 11.49
C ASN A 361 -4.51 27.71 11.57
N LEU A 362 -5.66 27.89 12.22
CA LEU A 362 -6.59 26.79 12.41
C LEU A 362 -7.16 26.29 11.09
N VAL A 363 -7.37 27.18 10.12
CA VAL A 363 -7.97 26.82 8.84
C VAL A 363 -7.07 27.19 7.66
N ASN A 364 -5.81 27.56 7.94
CA ASN A 364 -4.86 27.93 6.89
C ASN A 364 -5.36 29.08 6.04
N ALA A 365 -5.89 30.11 6.70
CA ALA A 365 -6.28 31.35 6.07
C ALA A 365 -5.08 32.29 5.94
N GLN A 366 -5.21 33.26 5.04
CA GLN A 366 -4.25 34.37 4.97
C GLN A 366 -4.59 35.50 5.94
N GLY A 367 -5.87 35.85 6.06
CA GLY A 367 -6.29 36.90 6.98
C GLY A 367 -7.45 36.42 7.83
N ALA A 368 -7.78 37.23 8.83
CA ALA A 368 -8.87 36.89 9.74
C ALA A 368 -9.39 38.16 10.40
N ALA A 369 -10.66 38.12 10.78
CA ALA A 369 -11.31 39.24 11.44
C ALA A 369 -12.28 38.70 12.48
N ILE A 370 -12.04 39.06 13.74
CA ILE A 370 -12.98 38.78 14.83
C ILE A 370 -13.84 40.03 15.00
N CYS A 371 -15.11 39.93 14.63
CA CYS A 371 -16.01 41.08 14.63
C CYS A 371 -17.05 40.87 15.74
N PHE A 372 -16.74 41.36 16.93
CA PHE A 372 -17.66 41.30 18.06
C PHE A 372 -18.31 42.66 18.22
N ASN A 373 -19.61 42.74 17.90
CA ASN A 373 -20.37 43.98 17.95
C ASN A 373 -19.67 45.07 17.15
N LYS A 374 -19.34 46.19 17.80
CA LYS A 374 -18.64 47.28 17.14
C LYS A 374 -17.13 47.08 17.11
N GLU A 375 -16.61 46.08 17.83
CA GLU A 375 -15.16 45.83 17.88
C GLU A 375 -14.74 44.95 16.70
N LEU A 376 -13.58 45.27 16.13
CA LEU A 376 -13.02 44.52 15.01
C LEU A 376 -11.55 44.25 15.28
N TYR A 377 -11.18 42.98 15.31
CA TYR A 377 -9.80 42.56 15.51
C TYR A 377 -9.31 41.92 14.22
N LEU A 378 -8.48 42.65 13.48
CA LEU A 378 -7.89 42.16 12.25
C LEU A 378 -6.62 41.37 12.52
N LEU A 379 -6.32 40.44 11.61
CA LEU A 379 -5.09 39.66 11.68
C LEU A 379 -4.70 39.28 10.26
N GLY A 380 -3.40 39.30 9.98
CA GLY A 380 -2.99 39.00 8.62
C GLY A 380 -3.44 40.07 7.65
N ASN A 381 -3.70 39.65 6.41
CA ASN A 381 -4.14 40.53 5.33
C ASN A 381 -5.65 40.43 5.20
N THR A 382 -6.34 41.54 5.46
CA THR A 382 -7.78 41.61 5.52
C THR A 382 -8.28 42.78 4.68
N PRO A 383 -9.53 42.73 4.24
CA PRO A 383 -10.15 43.92 3.64
C PRO A 383 -10.25 45.04 4.65
N GLU A 384 -10.25 46.27 4.15
CA GLU A 384 -10.31 47.44 5.01
C GLU A 384 -11.61 47.44 5.82
N LYS A 385 -11.58 48.16 6.95
CA LYS A 385 -12.62 48.03 7.97
C LYS A 385 -14.00 48.34 7.41
N GLN A 386 -14.11 49.28 6.48
CA GLN A 386 -15.40 49.55 5.86
C GLN A 386 -15.86 48.38 5.00
N ASP A 387 -14.92 47.77 4.24
CA ASP A 387 -15.28 46.62 3.42
C ASP A 387 -15.70 45.44 4.29
N ILE A 388 -15.04 45.25 5.44
CA ILE A 388 -15.42 44.17 6.32
C ILE A 388 -16.78 44.43 6.95
N GLN A 389 -17.08 45.69 7.28
CA GLN A 389 -18.41 45.99 7.81
C GLN A 389 -19.49 45.78 6.74
N ASN A 390 -19.18 46.09 5.49
CA ASN A 390 -20.15 45.82 4.42
C ASN A 390 -20.36 44.33 4.24
N LEU A 391 -19.27 43.55 4.26
CA LEU A 391 -19.42 42.10 4.15
C LEU A 391 -20.17 41.53 5.34
N LEU A 392 -20.01 42.13 6.53
CA LEU A 392 -20.74 41.67 7.70
C LEU A 392 -22.22 41.95 7.57
N LEU A 393 -22.59 43.12 7.04
CA LEU A 393 -24.00 43.39 6.80
C LEU A 393 -24.57 42.42 5.76
N TRP A 394 -23.76 42.09 4.75
CA TRP A 394 -24.20 41.13 3.75
C TRP A 394 -24.41 39.75 4.36
N ILE A 395 -23.49 39.30 5.21
CA ILE A 395 -23.61 37.99 5.83
C ILE A 395 -24.78 37.95 6.79
N HIS A 396 -25.03 39.07 7.48
CA HIS A 396 -26.20 39.15 8.34
C HIS A 396 -27.50 39.09 7.54
N ASN A 397 -27.51 39.64 6.33
CA ASN A 397 -28.72 39.59 5.51
C ASN A 397 -28.91 38.24 4.84
N ASN A 398 -27.84 37.64 4.33
CA ASN A 398 -27.94 36.46 3.48
C ASN A 398 -27.71 35.16 4.26
N ILE A 399 -26.53 35.01 4.87
CA ILE A 399 -26.19 33.76 5.54
C ILE A 399 -27.12 33.54 6.72
N ASP A 400 -27.62 32.32 6.85
CA ASP A 400 -28.53 31.94 7.93
C ASP A 400 -28.04 30.67 8.62
N GLU A 401 -26.72 30.46 8.65
CA GLU A 401 -26.12 29.28 9.25
C GLU A 401 -24.93 29.71 10.09
N ASP A 402 -24.58 28.87 11.06
CA ASP A 402 -23.45 29.19 11.94
C ASP A 402 -22.13 29.20 11.17
N ILE A 403 -22.04 28.47 10.07
CA ILE A 403 -20.79 28.36 9.31
C ILE A 403 -21.13 28.43 7.83
N PHE A 404 -20.34 29.21 7.08
CA PHE A 404 -20.52 29.34 5.64
C PHE A 404 -19.16 29.57 5.01
N TYR A 405 -18.94 28.95 3.85
CA TYR A 405 -17.61 28.99 3.28
C TYR A 405 -17.70 28.99 1.76
N THR A 406 -16.73 29.65 1.13
CA THR A 406 -16.64 29.65 -0.32
C THR A 406 -15.20 29.96 -0.73
N ASP A 407 -14.78 29.35 -1.83
CA ASP A 407 -13.47 29.63 -2.41
C ASP A 407 -13.51 30.79 -3.41
N SER A 408 -14.69 31.38 -3.64
CA SER A 408 -14.82 32.54 -4.53
C SER A 408 -15.99 33.38 -4.01
N LEU A 409 -15.68 34.30 -3.09
CA LEU A 409 -16.68 35.20 -2.54
C LEU A 409 -17.24 36.15 -3.60
N SER A 410 -16.49 36.41 -4.67
CA SER A 410 -16.91 37.38 -5.68
C SER A 410 -18.19 36.97 -6.38
N GLN A 411 -18.52 35.67 -6.43
CA GLN A 411 -19.69 35.20 -7.15
C GLN A 411 -20.99 35.30 -6.35
N VAL A 412 -20.92 35.64 -5.07
CA VAL A 412 -22.14 35.74 -4.25
C VAL A 412 -22.24 37.12 -3.63
N TYR A 413 -21.11 37.78 -3.46
CA TYR A 413 -21.03 39.15 -2.95
C TYR A 413 -20.16 39.92 -3.93
N PRO A 414 -20.75 40.42 -5.01
CA PRO A 414 -19.94 40.93 -6.13
C PRO A 414 -18.95 42.02 -5.72
N GLU A 415 -19.29 42.83 -4.72
CA GLU A 415 -18.36 43.85 -4.26
C GLU A 415 -17.02 43.25 -3.84
N ALA A 416 -17.00 41.96 -3.49
CA ALA A 416 -15.76 41.30 -3.10
C ALA A 416 -14.71 41.36 -4.19
N GLU A 417 -15.10 41.62 -5.44
CA GLU A 417 -14.11 41.75 -6.49
C GLU A 417 -13.09 42.84 -6.17
N LYS A 418 -13.49 43.87 -5.42
CA LYS A 418 -12.52 44.92 -5.07
C LYS A 418 -11.46 44.40 -4.10
N PHE A 419 -11.80 43.42 -3.26
CA PHE A 419 -10.83 42.82 -2.34
C PHE A 419 -10.64 41.34 -2.63
N LYS A 420 -10.63 40.99 -3.93
CA LYS A 420 -10.35 39.60 -4.31
C LYS A 420 -8.94 39.19 -3.95
N ASP A 421 -8.01 40.14 -3.89
CA ASP A 421 -6.61 39.83 -3.68
C ASP A 421 -6.25 39.59 -2.22
N VAL A 422 -7.17 39.84 -1.29
CA VAL A 422 -6.91 39.57 0.11
C VAL A 422 -7.97 38.62 0.65
N ALA A 423 -9.16 38.62 0.05
CA ALA A 423 -10.27 37.81 0.53
C ALA A 423 -11.12 37.29 -0.64
N SER A 424 -10.48 36.60 -1.58
CA SER A 424 -11.25 35.87 -2.59
C SER A 424 -12.02 34.72 -1.95
N GLY A 425 -11.45 34.08 -0.94
CA GLY A 425 -12.08 32.98 -0.24
C GLY A 425 -12.48 33.43 1.15
N LEU A 426 -13.59 32.89 1.65
CA LEU A 426 -14.14 33.33 2.91
C LEU A 426 -14.68 32.14 3.69
N ILE A 427 -14.51 32.20 5.01
CA ILE A 427 -15.20 31.35 5.96
C ILE A 427 -15.81 32.27 7.01
N ALA A 428 -17.12 32.46 6.96
CA ALA A 428 -17.84 33.19 7.99
C ALA A 428 -18.34 32.22 9.06
N LEU A 429 -18.06 32.55 10.31
CA LEU A 429 -18.52 31.77 11.46
C LEU A 429 -19.35 32.71 12.33
N SER A 430 -20.68 32.56 12.24
CA SER A 430 -21.60 33.44 12.96
C SER A 430 -21.72 32.94 14.39
N ILE A 431 -20.87 33.46 15.26
CA ILE A 431 -20.92 33.08 16.67
C ILE A 431 -22.23 33.49 17.30
N SER A 432 -22.80 34.62 16.86
CA SER A 432 -24.07 35.07 17.41
C SER A 432 -24.73 36.03 16.42
N LYS A 433 -25.94 35.68 15.97
CA LYS A 433 -26.68 36.54 15.06
C LYS A 433 -27.21 37.78 15.78
N THR A 434 -27.76 37.60 16.98
CA THR A 434 -28.34 38.73 17.71
C THR A 434 -27.28 39.64 18.31
N GLN A 435 -26.17 39.07 18.76
CA GLN A 435 -25.09 39.86 19.36
C GLN A 435 -24.16 40.46 18.32
N ASN A 436 -24.34 40.15 17.03
CA ASN A 436 -23.44 40.59 15.97
C ASN A 436 -22.01 40.14 16.24
N LYS A 437 -21.86 38.84 16.50
CA LYS A 437 -20.55 38.25 16.76
C LYS A 437 -20.22 37.31 15.61
N TYR A 438 -19.15 37.63 14.86
CA TYR A 438 -18.75 36.88 13.69
C TYR A 438 -17.24 36.65 13.72
N VAL A 439 -16.81 35.60 13.00
CA VAL A 439 -15.42 35.38 12.68
C VAL A 439 -15.33 35.16 11.18
N LEU A 440 -14.40 35.86 10.53
CA LEU A 440 -14.27 35.83 9.07
C LEU A 440 -12.83 35.52 8.70
N TRP A 441 -12.59 34.31 8.20
CA TRP A 441 -11.30 33.99 7.60
C TRP A 441 -11.27 34.43 6.14
N PHE A 442 -10.08 34.81 5.68
CA PHE A 442 -9.89 35.37 4.35
C PHE A 442 -8.73 34.67 3.66
N ARG A 443 -8.90 34.38 2.38
CA ARG A 443 -7.84 33.77 1.60
C ARG A 443 -7.62 34.55 0.31
N PRO A 444 -6.37 34.71 -0.14
CA PRO A 444 -6.11 35.48 -1.35
C PRO A 444 -6.53 34.73 -2.60
N GLU A 445 -6.72 35.50 -3.68
CA GLU A 445 -6.98 34.91 -4.97
C GLU A 445 -5.84 34.02 -5.41
N GLU A 446 -6.16 32.88 -6.00
CA GLU A 446 -5.18 31.95 -6.55
C GLU A 446 -5.50 31.80 -8.03
N VAL A 447 -4.79 32.55 -8.87
CA VAL A 447 -5.01 32.48 -10.30
C VAL A 447 -4.50 31.14 -10.81
N GLN A 448 -5.36 30.38 -11.47
CA GLN A 448 -5.02 29.05 -11.94
C GLN A 448 -4.96 29.06 -13.46
N THR A 449 -3.92 28.44 -14.01
CA THR A 449 -3.72 28.37 -15.45
C THR A 449 -3.85 26.90 -15.86
N VAL A 450 -5.07 26.46 -16.08
CA VAL A 450 -5.36 25.06 -16.38
C VAL A 450 -5.15 24.84 -17.88
N ASN A 451 -4.18 24.00 -18.23
CA ASN A 451 -3.83 23.75 -19.63
C ASN A 451 -4.56 22.50 -20.11
N TRP A 452 -5.64 22.70 -20.86
CA TRP A 452 -6.41 21.61 -21.45
C TRP A 452 -5.88 21.24 -22.83
N GLY A 453 -6.12 19.98 -23.21
CA GLY A 453 -5.99 19.57 -24.59
C GLY A 453 -7.33 19.68 -25.29
N GLY A 454 -7.89 20.89 -25.23
CA GLY A 454 -9.24 21.12 -25.78
C GLY A 454 -10.26 20.77 -24.73
N ASN A 455 -11.35 21.51 -24.62
CA ASN A 455 -12.42 21.10 -23.68
C ASN A 455 -13.66 21.91 -23.96
N PRO A 456 -14.87 21.32 -23.99
CA PRO A 456 -16.10 22.10 -24.12
C PRO A 456 -16.77 22.33 -22.76
N GLU A 477 -6.06 20.63 -29.53
CA GLU A 477 -5.02 21.64 -29.40
C GLU A 477 -4.97 22.19 -27.96
N LEU A 478 -3.99 23.05 -27.70
CA LEU A 478 -3.82 23.64 -26.38
C LEU A 478 -4.93 24.63 -26.07
N TRP A 479 -5.33 24.69 -24.81
CA TRP A 479 -6.35 25.63 -24.35
C TRP A 479 -6.00 26.07 -22.93
N LYS A 480 -5.51 27.30 -22.79
CA LYS A 480 -5.38 27.87 -21.45
C LYS A 480 -6.75 28.18 -20.88
N GLU A 481 -6.91 27.96 -19.58
CA GLU A 481 -8.09 28.40 -18.85
C GLU A 481 -7.60 29.20 -17.65
N ILE A 482 -7.98 30.48 -17.59
CA ILE A 482 -7.50 31.40 -16.57
C ILE A 482 -8.60 31.50 -15.52
N VAL A 483 -8.40 30.84 -14.39
CA VAL A 483 -9.31 30.92 -13.26
C VAL A 483 -8.85 32.05 -12.35
N ARG A 484 -9.80 32.89 -11.93
CA ARG A 484 -9.52 34.06 -11.13
C ARG A 484 -10.72 34.33 -10.23
N LEU A 485 -10.52 35.21 -9.25
CA LEU A 485 -11.45 35.47 -8.16
C LEU A 485 -11.64 34.23 -7.28
N LYS A 486 -10.83 33.20 -7.46
CA LYS A 486 -10.98 31.93 -6.77
C LYS A 486 -9.74 31.70 -5.90
N SER A 487 -9.97 31.55 -4.60
CA SER A 487 -8.90 31.23 -3.67
C SER A 487 -8.57 29.74 -3.72
N LEU A 488 -7.52 29.36 -3.02
CA LEU A 488 -7.24 27.94 -2.84
C LEU A 488 -8.39 27.31 -2.07
N PRO A 489 -8.96 26.20 -2.55
CA PRO A 489 -10.19 25.68 -1.95
C PRO A 489 -9.98 25.25 -0.50
N TRP A 490 -11.00 25.46 0.31
CA TRP A 490 -10.96 25.02 1.70
C TRP A 490 -11.01 23.49 1.77
N LYS A 491 -10.18 22.93 2.64
CA LYS A 491 -10.31 21.51 2.98
C LYS A 491 -11.52 21.31 3.89
N SER A 492 -12.13 20.13 3.79
CA SER A 492 -13.32 19.86 4.58
C SER A 492 -13.01 19.87 6.07
N TYR A 493 -11.84 19.34 6.47
CA TYR A 493 -11.49 19.33 7.88
C TYR A 493 -11.19 20.74 8.38
N GLU A 494 -10.73 21.64 7.51
CA GLU A 494 -10.51 23.02 7.92
C GLU A 494 -11.85 23.69 8.26
N VAL A 495 -12.86 23.50 7.41
CA VAL A 495 -14.16 24.07 7.70
C VAL A 495 -14.79 23.41 8.92
N ASN A 496 -14.53 22.12 9.13
CA ASN A 496 -15.04 21.47 10.33
C ASN A 496 -14.39 22.04 11.58
N ALA A 497 -13.08 22.28 11.54
CA ALA A 497 -12.42 22.92 12.67
C ALA A 497 -12.92 24.34 12.89
N ALA A 498 -13.25 25.05 11.80
CA ALA A 498 -13.79 26.39 11.96
C ALA A 498 -15.17 26.36 12.61
N ALA A 499 -15.99 25.37 12.27
CA ALA A 499 -17.29 25.23 12.91
C ALA A 499 -17.15 24.82 14.37
N GLU A 500 -16.16 23.96 14.67
CA GLU A 500 -15.88 23.55 16.05
C GLU A 500 -15.37 24.71 16.89
N LEU A 501 -14.69 25.66 16.25
CA LEU A 501 -14.16 26.81 16.98
C LEU A 501 -15.28 27.67 17.55
N ARG A 502 -16.48 27.63 16.96
CA ARG A 502 -17.59 28.39 17.51
C ARG A 502 -17.95 27.90 18.91
N GLY A 503 -18.08 26.58 19.06
CA GLY A 503 -18.35 26.04 20.38
C GLY A 503 -17.16 26.20 21.31
N ALA A 504 -15.94 26.07 20.77
CA ALA A 504 -14.76 26.29 21.60
C ALA A 504 -14.69 27.72 22.12
N ILE A 505 -15.22 28.67 21.35
CA ILE A 505 -15.25 30.06 21.79
C ILE A 505 -16.36 30.29 22.80
N ILE A 506 -17.54 29.72 22.55
CA ILE A 506 -18.65 29.90 23.48
C ILE A 506 -18.35 29.26 24.82
N THR A 507 -17.54 28.19 24.84
CA THR A 507 -17.32 27.46 26.09
C THR A 507 -16.57 28.31 27.11
N VAL A 508 -15.53 28.98 26.66
CA VAL A 508 -14.86 29.93 27.58
C VAL A 508 -15.78 31.13 27.61
N VAL A 509 -16.68 31.17 28.60
CA VAL A 509 -17.63 32.32 28.76
C VAL A 509 -16.91 33.45 29.51
N ASN B 16 24.31 -2.34 24.01
CA ASN B 16 24.76 -3.70 24.29
C ASN B 16 24.59 -4.57 23.05
N CYS B 17 23.62 -5.49 23.11
CA CYS B 17 23.30 -6.29 21.94
C CYS B 17 22.75 -5.44 20.81
N ASP B 18 22.13 -4.30 21.14
CA ASP B 18 21.61 -3.37 20.16
C ASP B 18 22.70 -2.49 19.56
N LYS B 19 23.92 -2.56 20.07
CA LYS B 19 25.03 -1.74 19.61
C LYS B 19 26.13 -2.61 19.02
N GLU B 20 25.76 -3.65 18.28
CA GLU B 20 26.71 -4.55 17.65
C GLU B 20 26.73 -4.35 16.13
N PRO B 21 27.87 -4.03 15.53
CA PRO B 21 27.97 -3.90 14.06
C PRO B 21 28.08 -5.26 13.37
N ILE B 22 26.93 -5.93 13.26
CA ILE B 22 26.90 -7.26 12.65
C ILE B 22 27.17 -7.22 11.16
N HIS B 23 27.03 -6.06 10.53
CA HIS B 23 27.17 -5.95 9.08
C HIS B 23 28.61 -5.97 8.61
N ILE B 24 29.58 -5.86 9.50
CA ILE B 24 30.98 -5.95 9.09
C ILE B 24 31.71 -6.92 10.01
N PRO B 25 31.39 -8.22 9.96
CA PRO B 25 32.17 -9.20 10.74
C PRO B 25 33.64 -9.26 10.34
N GLY B 26 33.95 -9.00 9.08
CA GLY B 26 35.26 -9.31 8.54
C GLY B 26 35.42 -10.75 8.09
N PHE B 27 34.39 -11.57 8.24
CA PHE B 27 34.41 -12.98 7.88
C PHE B 27 33.20 -13.26 7.00
N VAL B 28 33.23 -14.42 6.34
CA VAL B 28 32.12 -14.87 5.50
C VAL B 28 31.92 -16.37 5.70
N GLN B 29 30.73 -16.83 5.31
CA GLN B 29 30.45 -18.26 5.41
C GLN B 29 31.30 -19.04 4.41
N PRO B 30 31.89 -20.15 4.83
CA PRO B 30 32.85 -20.85 3.97
C PRO B 30 32.28 -21.32 2.64
N HIS B 31 30.99 -21.65 2.57
CA HIS B 31 30.48 -22.34 1.39
C HIS B 31 30.54 -21.47 0.14
N GLY B 32 30.70 -20.15 0.28
CA GLY B 32 30.93 -19.28 -0.84
C GLY B 32 32.30 -18.60 -0.77
N VAL B 33 32.63 -17.90 -1.86
CA VAL B 33 33.86 -17.12 -1.95
C VAL B 33 33.48 -15.67 -2.23
N LEU B 34 33.96 -14.76 -1.39
CA LEU B 34 33.71 -13.34 -1.59
C LEU B 34 34.94 -12.69 -2.25
N LEU B 35 34.67 -11.76 -3.16
CA LEU B 35 35.72 -11.01 -3.85
C LEU B 35 35.30 -9.54 -3.90
N ALA B 36 35.93 -8.71 -3.08
CA ALA B 36 35.68 -7.27 -3.08
C ALA B 36 36.68 -6.62 -4.04
N ILE B 37 36.19 -6.18 -5.19
CA ILE B 37 37.03 -5.65 -6.25
C ILE B 37 36.74 -4.17 -6.43
N LYS B 38 37.79 -3.39 -6.69
CA LYS B 38 37.64 -1.95 -6.86
C LYS B 38 37.28 -1.63 -8.31
N GLU B 39 36.19 -0.91 -8.50
CA GLU B 39 35.75 -0.47 -9.82
C GLU B 39 36.59 0.71 -10.30
N PRO B 40 36.82 0.84 -11.61
CA PRO B 40 36.45 -0.09 -12.69
C PRO B 40 37.62 -0.91 -13.20
N GLU B 41 38.70 -1.03 -12.43
CA GLU B 41 39.88 -1.78 -12.87
C GLU B 41 39.75 -3.27 -12.64
N LEU B 42 38.68 -3.73 -11.99
CA LEU B 42 38.50 -5.13 -11.61
C LEU B 42 39.63 -5.62 -10.73
N THR B 43 40.19 -4.73 -9.92
CA THR B 43 41.29 -5.07 -9.03
C THR B 43 40.74 -5.69 -7.75
N ILE B 44 41.17 -6.93 -7.46
CA ILE B 44 40.60 -7.67 -6.34
C ILE B 44 41.22 -7.19 -5.04
N LEU B 45 40.64 -6.14 -4.45
CA LEU B 45 41.19 -5.58 -3.22
C LEU B 45 41.10 -6.55 -2.05
N GLN B 46 40.08 -7.40 -2.01
CA GLN B 46 39.88 -8.27 -0.87
C GLN B 46 39.31 -9.62 -1.32
N VAL B 47 39.71 -10.69 -0.63
CA VAL B 47 39.22 -12.03 -0.89
C VAL B 47 38.94 -12.72 0.43
N SER B 48 37.96 -13.62 0.42
CA SER B 48 37.80 -14.56 1.51
C SER B 48 39.01 -15.49 1.56
N ASN B 49 39.42 -15.87 2.77
CA ASN B 49 40.65 -16.65 2.90
C ASN B 49 40.52 -18.06 2.34
N ASN B 50 39.28 -18.54 2.12
CA ASN B 50 39.06 -19.90 1.66
C ASN B 50 39.23 -20.06 0.15
N THR B 51 39.78 -19.06 -0.54
CA THR B 51 39.91 -19.14 -1.99
C THR B 51 40.80 -20.30 -2.42
N TYR B 52 41.82 -20.63 -1.63
CA TYR B 52 42.80 -21.63 -2.07
C TYR B 52 42.18 -23.02 -2.22
N ASN B 53 41.16 -23.34 -1.41
CA ASN B 53 40.62 -24.69 -1.43
C ASN B 53 39.63 -24.88 -2.58
N CYS B 54 38.60 -24.04 -2.63
CA CYS B 54 37.54 -24.17 -3.62
C CYS B 54 37.82 -23.41 -4.91
N LEU B 55 38.98 -22.76 -5.03
CA LEU B 55 39.34 -22.05 -6.24
C LEU B 55 40.70 -22.43 -6.82
N GLY B 56 41.57 -23.10 -6.06
CA GLY B 56 42.90 -23.38 -6.55
C GLY B 56 43.84 -22.20 -6.56
N PHE B 57 43.48 -21.12 -5.87
CA PHE B 57 44.24 -19.87 -5.90
C PHE B 57 44.42 -19.37 -4.48
N HIS B 58 45.67 -19.19 -4.07
CA HIS B 58 45.97 -18.77 -2.70
C HIS B 58 45.42 -17.37 -2.44
N PRO B 59 45.05 -17.08 -1.19
CA PRO B 59 44.57 -15.71 -0.88
C PRO B 59 45.56 -14.63 -1.23
N GLU B 60 46.87 -14.89 -1.09
CA GLU B 60 47.86 -13.91 -1.50
C GLU B 60 47.98 -13.78 -3.01
N GLU B 61 47.55 -14.80 -3.76
CA GLU B 61 47.63 -14.76 -5.22
C GLU B 61 46.73 -13.70 -5.83
N LEU B 62 45.67 -13.30 -5.12
CA LEU B 62 44.71 -12.32 -5.64
C LEU B 62 44.54 -11.22 -4.59
N LEU B 63 45.55 -10.35 -4.50
CA LEU B 63 45.49 -9.17 -3.64
C LEU B 63 46.01 -8.00 -4.45
N ASN B 64 45.16 -7.00 -4.68
CA ASN B 64 45.43 -5.89 -5.60
C ASN B 64 45.75 -6.38 -7.01
N GLN B 65 45.28 -7.58 -7.36
CA GLN B 65 45.34 -8.26 -8.64
C GLN B 65 44.05 -8.03 -9.43
N PRO B 66 44.14 -7.97 -10.75
CA PRO B 66 42.92 -7.89 -11.56
C PRO B 66 42.05 -9.13 -11.41
N LEU B 67 40.73 -8.92 -11.49
CA LEU B 67 39.80 -10.05 -11.51
C LEU B 67 40.00 -10.93 -12.74
N ARG B 68 40.56 -10.36 -13.82
CA ARG B 68 40.74 -11.09 -15.06
C ARG B 68 41.65 -12.30 -14.88
N LYS B 69 42.56 -12.25 -13.89
CA LYS B 69 43.42 -13.39 -13.64
C LYS B 69 42.66 -14.61 -13.12
N LEU B 70 41.48 -14.41 -12.54
CA LEU B 70 40.70 -15.52 -12.01
C LEU B 70 39.52 -15.91 -12.90
N LEU B 71 38.95 -14.96 -13.64
CA LEU B 71 37.79 -15.23 -14.50
C LEU B 71 38.20 -15.18 -15.96
N GLU B 72 37.53 -16.01 -16.76
CA GLU B 72 37.74 -16.03 -18.19
C GLU B 72 37.31 -14.71 -18.83
N SER B 73 38.06 -14.29 -19.86
CA SER B 73 37.76 -13.01 -20.50
C SER B 73 36.39 -13.00 -21.15
N GLU B 74 35.90 -14.16 -21.58
CA GLU B 74 34.55 -14.23 -22.13
C GLU B 74 33.50 -13.91 -21.08
N GLN B 75 33.79 -14.20 -19.81
CA GLN B 75 32.84 -13.95 -18.74
C GLN B 75 32.97 -12.55 -18.14
N ILE B 76 34.18 -12.00 -18.08
CA ILE B 76 34.32 -10.61 -17.63
C ILE B 76 33.77 -9.63 -18.66
N ASP B 77 33.67 -10.05 -19.93
CA ASP B 77 33.04 -9.19 -20.92
C ASP B 77 31.56 -8.99 -20.61
N PHE B 78 30.87 -10.05 -20.18
CA PHE B 78 29.50 -9.89 -19.71
C PHE B 78 29.47 -9.10 -18.40
N LEU B 79 30.49 -9.26 -17.55
CA LEU B 79 30.49 -8.58 -16.27
C LEU B 79 30.55 -7.07 -16.43
N ASN B 80 31.26 -6.58 -17.45
CA ASN B 80 31.28 -5.15 -17.70
C ASN B 80 29.92 -4.66 -18.19
N ASP B 81 29.23 -5.47 -18.99
CA ASP B 81 27.88 -5.11 -19.42
C ASP B 81 26.91 -5.11 -18.25
N CYS B 82 27.16 -5.95 -17.25
CA CYS B 82 26.35 -5.91 -16.03
C CYS B 82 26.67 -4.66 -15.21
N LEU B 83 27.95 -4.30 -15.13
CA LEU B 83 28.36 -3.12 -14.36
C LEU B 83 27.89 -1.82 -15.00
N THR B 84 27.64 -1.81 -16.31
CA THR B 84 27.11 -0.60 -16.94
C THR B 84 25.71 -0.25 -16.43
N GLN B 85 24.97 -1.23 -15.92
CA GLN B 85 23.60 -1.00 -15.48
C GLN B 85 23.56 -0.13 -14.22
N GLU B 86 22.42 0.56 -14.04
CA GLU B 86 22.23 1.36 -12.83
C GLU B 86 22.20 0.49 -11.58
N ASP B 87 21.72 -0.75 -11.69
CA ASP B 87 21.70 -1.69 -10.58
C ASP B 87 22.12 -3.06 -11.09
N ILE B 88 23.20 -3.59 -10.50
CA ILE B 88 23.80 -4.83 -10.99
C ILE B 88 22.92 -6.04 -10.70
N GLN B 89 22.06 -5.96 -9.68
CA GLN B 89 21.36 -7.16 -9.20
C GLN B 89 20.43 -7.75 -10.24
N ILE B 90 20.07 -7.00 -11.28
CA ILE B 90 19.22 -7.54 -12.33
C ILE B 90 19.88 -8.73 -13.01
N VAL B 91 21.22 -8.74 -13.06
CA VAL B 91 21.93 -9.82 -13.74
C VAL B 91 22.18 -11.04 -12.85
N ASN B 92 21.92 -10.95 -11.55
CA ASN B 92 22.14 -12.10 -10.69
C ASN B 92 21.08 -13.16 -10.95
N PRO B 93 21.46 -14.44 -10.94
CA PRO B 93 22.81 -14.99 -10.73
C PRO B 93 23.59 -15.16 -12.04
N VAL B 94 24.78 -14.58 -12.13
CA VAL B 94 25.63 -14.80 -13.31
C VAL B 94 26.18 -16.22 -13.26
N GLU B 95 26.43 -16.79 -14.42
CA GLU B 95 26.98 -18.15 -14.53
C GLU B 95 28.46 -18.05 -14.89
N PHE B 96 29.32 -18.13 -13.89
CA PHE B 96 30.76 -18.05 -14.13
C PHE B 96 31.36 -19.45 -14.22
N ILE B 106 31.55 -24.44 -12.91
CA ILE B 106 30.16 -24.04 -12.79
C ILE B 106 29.94 -23.36 -11.44
N PHE B 107 29.74 -22.04 -11.46
CA PHE B 107 29.55 -21.27 -10.24
C PHE B 107 28.49 -20.21 -10.45
N ASP B 108 27.64 -20.03 -9.45
CA ASP B 108 26.67 -18.93 -9.46
C ASP B 108 27.29 -17.71 -8.78
N GLY B 109 27.27 -16.58 -9.48
CA GLY B 109 27.84 -15.35 -8.99
C GLY B 109 26.75 -14.34 -8.69
N ILE B 110 26.95 -13.60 -7.61
CA ILE B 110 26.05 -12.53 -7.19
C ILE B 110 26.88 -11.26 -7.12
N ILE B 111 26.45 -10.24 -7.86
CA ILE B 111 27.16 -8.98 -7.95
C ILE B 111 26.27 -7.88 -7.36
N HIS B 112 26.85 -7.08 -6.46
CA HIS B 112 26.12 -5.97 -5.86
C HIS B 112 27.14 -4.96 -5.33
N ARG B 113 27.02 -3.72 -5.77
CA ARG B 113 27.91 -2.67 -5.30
C ARG B 113 27.64 -2.38 -3.82
N SER B 114 28.72 -2.18 -3.06
CA SER B 114 28.58 -1.87 -1.64
C SER B 114 29.91 -1.35 -1.11
N ASN B 115 29.91 -0.11 -0.60
CA ASN B 115 31.07 0.50 0.03
C ASN B 115 32.27 0.57 -0.93
N GLY B 116 32.05 1.27 -2.03
CA GLY B 116 33.11 1.49 -3.01
C GLY B 116 33.36 0.27 -3.88
N VAL B 117 34.06 -0.72 -3.33
CA VAL B 117 34.33 -1.95 -4.07
C VAL B 117 33.03 -2.70 -4.34
N VAL B 118 32.87 -3.16 -5.57
CA VAL B 118 31.79 -4.08 -5.89
C VAL B 118 32.09 -5.45 -5.30
N ILE B 119 31.06 -6.15 -4.83
CA ILE B 119 31.20 -7.47 -4.25
C ILE B 119 30.79 -8.51 -5.29
N LEU B 120 31.63 -9.52 -5.48
CA LEU B 120 31.31 -10.68 -6.30
C LEU B 120 31.34 -11.90 -5.40
N GLU B 121 30.19 -12.51 -5.17
CA GLU B 121 30.08 -13.70 -4.34
C GLU B 121 29.87 -14.91 -5.25
N LEU B 122 30.66 -15.95 -5.05
CA LEU B 122 30.59 -17.15 -5.87
C LEU B 122 30.17 -18.32 -5.00
N GLU B 123 29.22 -19.10 -5.49
CA GLU B 123 28.76 -20.30 -4.81
C GLU B 123 28.75 -21.46 -5.79
N PRO B 124 28.93 -22.69 -5.31
CA PRO B 124 28.83 -23.84 -6.19
C PRO B 124 27.43 -23.93 -6.79
N ALA B 125 27.37 -24.33 -8.06
CA ALA B 125 26.12 -24.36 -8.82
C ALA B 125 25.53 -25.76 -8.77
N ILE B 126 24.34 -25.87 -8.16
CA ILE B 126 23.63 -27.13 -8.11
C ILE B 126 23.14 -27.49 -9.51
N ASN B 132 13.65 -29.83 -16.18
CA ASN B 132 13.97 -29.89 -14.76
C ASN B 132 13.49 -28.64 -14.03
N TYR B 133 13.01 -28.83 -12.80
CA TYR B 133 12.49 -27.75 -11.96
C TYR B 133 11.36 -26.98 -12.65
N PHE B 134 10.56 -27.66 -13.47
CA PHE B 134 9.37 -27.04 -14.04
C PHE B 134 8.22 -27.04 -13.04
N ARG B 135 8.05 -28.16 -12.33
CA ARG B 135 7.04 -28.21 -11.27
C ARG B 135 7.32 -27.15 -10.22
N PHE B 136 8.59 -26.84 -9.98
CA PHE B 136 8.96 -25.88 -8.95
C PHE B 136 8.43 -24.49 -9.28
N TYR B 137 8.72 -23.99 -10.48
CA TYR B 137 8.21 -22.68 -10.88
C TYR B 137 6.70 -22.69 -11.05
N HIS B 138 6.12 -23.82 -11.48
CA HIS B 138 4.67 -23.87 -11.62
C HIS B 138 3.98 -23.74 -10.27
N LEU B 139 4.45 -24.46 -9.25
CA LEU B 139 3.87 -24.29 -7.93
C LEU B 139 4.29 -22.97 -7.29
N VAL B 140 5.37 -22.34 -7.76
CA VAL B 140 5.69 -20.99 -7.31
C VAL B 140 4.60 -20.01 -7.75
N LYS B 141 4.25 -20.03 -9.04
CA LYS B 141 3.18 -19.15 -9.48
C LYS B 141 1.84 -19.55 -8.87
N LEU B 142 1.63 -20.84 -8.63
CA LEU B 142 0.41 -21.26 -7.94
C LEU B 142 0.37 -20.71 -6.52
N ALA B 143 1.52 -20.65 -5.85
CA ALA B 143 1.58 -20.09 -4.50
C ALA B 143 1.33 -18.60 -4.52
N ILE B 144 1.83 -17.90 -5.55
CA ILE B 144 1.55 -16.47 -5.66
C ILE B 144 0.05 -16.24 -5.83
N GLY B 145 -0.60 -17.11 -6.62
CA GLY B 145 -2.04 -16.98 -6.79
C GLY B 145 -2.80 -17.31 -5.52
N LYS B 146 -2.32 -18.31 -4.77
CA LYS B 146 -2.95 -18.63 -3.49
C LYS B 146 -2.80 -17.49 -2.49
N LEU B 147 -1.67 -16.79 -2.54
CA LEU B 147 -1.49 -15.63 -1.68
C LEU B 147 -2.43 -14.51 -2.09
N GLN B 148 -2.66 -14.35 -3.40
CA GLN B 148 -3.56 -13.31 -3.88
C GLN B 148 -5.03 -13.65 -3.65
N SER B 149 -5.36 -14.92 -3.41
CA SER B 149 -6.74 -15.33 -3.17
C SER B 149 -7.18 -15.15 -1.72
N THR B 150 -6.26 -14.80 -0.82
CA THR B 150 -6.55 -14.67 0.59
C THR B 150 -7.41 -13.45 0.88
N LYS B 151 -8.09 -13.49 2.03
CA LYS B 151 -8.87 -12.35 2.49
C LYS B 151 -8.49 -11.84 3.87
N THR B 152 -7.83 -12.65 4.71
CA THR B 152 -7.40 -12.21 6.03
C THR B 152 -5.92 -12.51 6.20
N VAL B 153 -5.29 -11.79 7.14
CA VAL B 153 -3.85 -11.94 7.36
C VAL B 153 -3.51 -13.36 7.82
N THR B 154 -4.39 -13.99 8.59
CA THR B 154 -4.11 -15.35 9.06
C THR B 154 -4.06 -16.34 7.91
N GLU B 155 -4.93 -16.15 6.90
CA GLU B 155 -4.88 -17.01 5.74
C GLU B 155 -3.59 -16.81 4.96
N ILE B 156 -3.13 -15.55 4.86
CA ILE B 156 -1.86 -15.29 4.19
C ILE B 156 -0.74 -15.97 4.97
N SER B 157 -0.84 -15.98 6.30
CA SER B 157 0.21 -16.56 7.12
C SER B 157 0.31 -18.07 6.89
N GLN B 158 -0.82 -18.77 7.03
CA GLN B 158 -0.79 -20.21 6.85
C GLN B 158 -0.42 -20.58 5.42
N ILE B 159 -0.90 -19.81 4.44
CA ILE B 159 -0.61 -20.15 3.06
C ILE B 159 0.86 -19.92 2.74
N ILE B 160 1.44 -18.82 3.21
CA ILE B 160 2.84 -18.55 2.88
C ILE B 160 3.75 -19.54 3.58
N VAL B 161 3.44 -19.94 4.82
CA VAL B 161 4.33 -20.89 5.47
C VAL B 161 4.21 -22.26 4.79
N THR B 162 2.99 -22.67 4.44
CA THR B 162 2.83 -23.96 3.77
C THR B 162 3.53 -23.97 2.42
N GLU B 163 3.42 -22.87 1.67
CA GLU B 163 4.02 -22.85 0.33
C GLU B 163 5.53 -22.77 0.40
N VAL B 164 6.07 -21.98 1.32
CA VAL B 164 7.52 -21.93 1.45
C VAL B 164 8.08 -23.27 1.89
N ARG B 165 7.33 -24.00 2.74
CA ARG B 165 7.79 -25.33 3.13
C ARG B 165 7.72 -26.31 1.97
N ARG B 166 6.66 -26.24 1.17
CA ARG B 166 6.53 -27.12 0.01
C ARG B 166 7.58 -26.81 -1.04
N ILE B 167 8.03 -25.56 -1.11
CA ILE B 167 9.03 -25.18 -2.10
C ILE B 167 10.44 -25.55 -1.65
N THR B 168 10.74 -25.38 -0.36
CA THR B 168 12.09 -25.53 0.12
C THR B 168 12.38 -26.89 0.76
N GLY B 169 11.38 -27.53 1.37
CA GLY B 169 11.64 -28.76 2.09
C GLY B 169 12.24 -28.58 3.46
N PHE B 170 12.23 -27.37 4.01
CA PHE B 170 12.68 -27.17 5.38
C PHE B 170 11.78 -27.93 6.35
N ASP B 171 12.40 -28.49 7.39
CA ASP B 171 11.63 -29.25 8.38
C ASP B 171 10.66 -28.36 9.14
N ARG B 172 10.97 -27.07 9.27
CA ARG B 172 10.13 -26.15 10.02
C ARG B 172 10.05 -24.83 9.27
N VAL B 173 8.84 -24.26 9.21
CA VAL B 173 8.61 -22.95 8.61
C VAL B 173 7.56 -22.24 9.46
N MET B 174 7.91 -21.07 9.99
CA MET B 174 7.04 -20.33 10.89
C MET B 174 6.92 -18.89 10.46
N PHE B 175 5.70 -18.37 10.44
CA PHE B 175 5.51 -16.94 10.30
C PHE B 175 5.59 -16.30 11.68
N TYR B 176 6.30 -15.18 11.76
CA TYR B 176 6.75 -14.58 13.01
C TYR B 176 6.37 -13.11 12.95
N ARG B 177 5.15 -12.78 13.37
CA ARG B 177 4.71 -11.39 13.37
C ARG B 177 5.36 -10.63 14.52
N PHE B 178 5.65 -9.36 14.29
CA PHE B 178 6.22 -8.53 15.35
C PHE B 178 5.14 -7.77 16.09
N ASP B 179 5.41 -7.51 17.37
CA ASP B 179 4.55 -6.73 18.25
C ASP B 179 4.87 -5.24 18.12
N ARG B 180 3.95 -4.41 18.58
CA ARG B 180 4.25 -2.99 18.69
C ARG B 180 5.38 -2.74 19.67
N ASP B 181 5.53 -3.61 20.67
CA ASP B 181 6.69 -3.63 21.54
C ASP B 181 7.86 -4.41 20.94
N TRP B 182 7.74 -4.78 19.67
CA TRP B 182 8.73 -5.54 18.91
C TRP B 182 8.96 -6.94 19.46
N ASN B 183 8.01 -7.44 20.26
CA ASN B 183 8.00 -8.85 20.58
C ASN B 183 7.62 -9.65 19.34
N GLY B 184 8.22 -10.83 19.19
CA GLY B 184 7.76 -11.73 18.16
C GLY B 184 6.58 -12.56 18.61
N ILE B 185 5.95 -13.21 17.64
CA ILE B 185 4.89 -14.17 17.94
C ILE B 185 4.71 -15.07 16.72
N VAL B 186 4.72 -16.38 16.95
CA VAL B 186 4.58 -17.35 15.88
C VAL B 186 3.10 -17.40 15.50
N ILE B 187 2.72 -16.67 14.46
CA ILE B 187 1.33 -16.64 14.03
C ILE B 187 0.97 -17.78 13.08
N ALA B 188 1.94 -18.36 12.39
CA ALA B 188 1.70 -19.48 11.50
C ALA B 188 2.90 -20.40 11.53
N GLU B 189 2.65 -21.69 11.31
CA GLU B 189 3.72 -22.68 11.39
C GLU B 189 3.37 -23.88 10.52
N ASP B 190 4.35 -24.32 9.72
CA ASP B 190 4.28 -25.61 9.03
C ASP B 190 5.57 -26.34 9.38
N LYS B 191 5.47 -27.41 10.16
CA LYS B 191 6.61 -28.10 10.71
C LYS B 191 6.44 -29.60 10.55
N GLN B 192 7.50 -30.33 10.89
CA GLN B 192 7.51 -31.77 10.78
C GLN B 192 6.52 -32.41 11.76
N GLU B 193 6.03 -33.59 11.40
CA GLU B 193 4.99 -34.23 12.20
C GLU B 193 5.46 -34.47 13.63
N HIS B 194 6.72 -34.85 13.82
CA HIS B 194 7.26 -35.12 15.14
C HIS B 194 7.80 -33.87 15.85
N LEU B 195 7.99 -32.78 15.12
CA LEU B 195 8.64 -31.61 15.71
C LEU B 195 7.69 -30.89 16.68
N PRO B 196 8.22 -30.32 17.75
CA PRO B 196 7.38 -29.51 18.64
C PRO B 196 6.82 -28.29 17.92
N SER B 197 5.59 -27.93 18.28
CA SER B 197 4.93 -26.77 17.70
C SER B 197 5.22 -25.53 18.54
N TYR B 198 5.91 -24.56 17.95
CA TYR B 198 6.20 -23.30 18.62
C TYR B 198 5.11 -22.26 18.39
N LEU B 199 3.94 -22.70 17.92
CA LEU B 199 2.87 -21.77 17.57
C LEU B 199 2.39 -21.01 18.80
N ASP B 200 2.05 -19.74 18.59
CA ASP B 200 1.50 -18.80 19.56
C ASP B 200 2.50 -18.41 20.64
N LEU B 201 3.73 -18.88 20.58
CA LEU B 201 4.73 -18.52 21.59
C LEU B 201 5.27 -17.13 21.31
N HIS B 202 5.02 -16.21 22.23
CA HIS B 202 5.66 -14.91 22.14
C HIS B 202 7.13 -15.02 22.47
N TYR B 203 7.93 -14.17 21.84
CA TYR B 203 9.35 -14.13 22.14
C TYR B 203 9.78 -12.70 22.42
N PRO B 204 10.75 -12.51 23.30
CA PRO B 204 11.18 -11.16 23.67
C PRO B 204 11.78 -10.41 22.49
N ALA B 205 11.59 -9.09 22.50
CA ALA B 205 12.21 -8.24 21.48
C ALA B 205 13.73 -8.31 21.54
N SER B 206 14.29 -8.69 22.69
CA SER B 206 15.73 -8.80 22.82
C SER B 206 16.33 -9.84 21.89
N ASP B 207 15.54 -10.82 21.44
CA ASP B 207 16.06 -11.85 20.55
C ASP B 207 16.54 -11.27 19.22
N ILE B 208 15.91 -10.20 18.76
CA ILE B 208 16.27 -9.55 17.51
C ILE B 208 16.66 -8.11 17.82
N PRO B 209 17.96 -7.83 17.94
CA PRO B 209 18.40 -6.47 18.23
C PRO B 209 18.14 -5.53 17.05
N THR B 210 18.11 -4.24 17.36
CA THR B 210 17.81 -3.22 16.36
C THR B 210 18.69 -3.31 15.11
N PRO B 211 20.03 -3.43 15.19
CA PRO B 211 20.80 -3.57 13.95
C PRO B 211 20.42 -4.78 13.11
N ALA B 212 20.07 -5.89 13.76
CA ALA B 212 19.61 -7.06 13.02
C ALA B 212 18.26 -6.81 12.37
N ARG B 213 17.37 -6.10 13.06
CA ARG B 213 16.09 -5.75 12.46
C ARG B 213 16.28 -4.87 11.24
N LYS B 214 17.24 -3.94 11.30
CA LYS B 214 17.50 -3.07 10.16
C LYS B 214 18.10 -3.87 9.00
N LEU B 215 19.03 -4.77 9.30
CA LEU B 215 19.62 -5.58 8.23
C LEU B 215 18.57 -6.48 7.60
N TYR B 216 17.62 -6.98 8.38
CA TYR B 216 16.53 -7.75 7.78
C TYR B 216 15.55 -6.87 7.03
N SER B 217 15.44 -5.59 7.42
CA SER B 217 14.68 -4.64 6.62
C SER B 217 15.37 -4.31 5.31
N GLN B 218 16.70 -4.47 5.24
CA GLN B 218 17.44 -4.24 3.99
C GLN B 218 17.53 -5.52 3.18
N ASN B 219 18.26 -6.52 3.68
CA ASN B 219 18.31 -7.82 3.01
C ASN B 219 16.98 -8.54 3.22
N TRP B 220 16.30 -8.86 2.12
CA TRP B 220 14.99 -9.51 2.20
C TRP B 220 15.08 -11.01 2.40
N LEU B 221 16.22 -11.63 2.14
CA LEU B 221 16.37 -13.06 2.31
C LEU B 221 17.71 -13.33 2.96
N ARG B 222 17.73 -14.26 3.90
CA ARG B 222 18.94 -14.55 4.66
C ARG B 222 19.06 -16.06 4.84
N LEU B 223 20.29 -16.56 4.76
CA LEU B 223 20.53 -17.99 4.82
C LEU B 223 21.78 -18.30 5.62
N ILE B 224 21.70 -19.37 6.42
CA ILE B 224 22.83 -20.02 7.04
C ILE B 224 22.75 -21.48 6.64
N PRO B 225 23.39 -21.87 5.52
CA PRO B 225 23.29 -23.27 5.07
C PRO B 225 23.79 -24.28 6.08
N ASP B 226 24.79 -23.94 6.88
CA ASP B 226 25.36 -24.87 7.85
C ASP B 226 25.65 -24.08 9.13
N ALA B 227 24.87 -24.35 10.19
CA ALA B 227 25.08 -23.64 11.45
C ALA B 227 26.44 -23.97 12.06
N ASP B 228 27.00 -25.13 11.75
CA ASP B 228 28.29 -25.56 12.28
C ASP B 228 29.46 -25.06 11.44
N TYR B 229 29.24 -24.10 10.56
CA TYR B 229 30.27 -23.62 9.66
C TYR B 229 31.41 -22.94 10.44
N GLN B 230 32.62 -23.09 9.92
CA GLN B 230 33.74 -22.27 10.34
C GLN B 230 33.84 -21.05 9.44
N ALA B 231 33.87 -19.87 10.05
CA ALA B 231 33.86 -18.63 9.28
C ALA B 231 35.15 -18.47 8.46
N ALA B 232 35.00 -17.92 7.26
CA ALA B 232 36.12 -17.64 6.37
C ALA B 232 36.45 -16.16 6.42
N ALA B 233 37.63 -15.83 6.95
CA ALA B 233 38.04 -14.44 7.06
C ALA B 233 38.36 -13.84 5.69
N ILE B 234 38.14 -12.53 5.57
CA ILE B 234 38.50 -11.79 4.37
C ILE B 234 39.82 -11.07 4.62
N VAL B 235 40.79 -11.31 3.75
CA VAL B 235 42.12 -10.71 3.81
C VAL B 235 42.23 -9.64 2.74
N PRO B 236 42.53 -8.38 3.09
CA PRO B 236 42.62 -7.79 4.44
C PRO B 236 41.24 -7.55 5.06
N THR B 237 41.16 -7.43 6.39
CA THR B 237 39.88 -7.09 7.02
C THR B 237 39.43 -5.70 6.62
N ASN B 238 40.31 -4.71 6.77
CA ASN B 238 40.04 -3.36 6.28
C ASN B 238 40.26 -3.30 4.77
N ASN B 239 39.61 -2.33 4.14
CA ASN B 239 39.85 -2.10 2.72
C ASN B 239 41.29 -1.64 2.52
N PRO B 240 42.05 -2.28 1.63
CA PRO B 240 43.45 -1.88 1.45
C PRO B 240 43.64 -0.42 1.04
N LEU B 241 42.72 0.15 0.27
CA LEU B 241 42.89 1.49 -0.26
C LEU B 241 42.27 2.58 0.60
N THR B 242 41.39 2.23 1.54
CA THR B 242 40.70 3.27 2.31
C THR B 242 40.65 3.01 3.81
N ASP B 243 41.22 1.92 4.31
CA ASP B 243 41.17 1.60 5.74
C ASP B 243 39.73 1.54 6.25
N GLU B 244 38.86 0.94 5.46
CA GLU B 244 37.45 0.88 5.83
C GLU B 244 36.97 -0.56 5.88
N PRO B 245 36.02 -0.86 6.78
CA PRO B 245 35.44 -2.21 6.80
C PRO B 245 34.67 -2.49 5.52
N LEU B 246 34.69 -3.76 5.11
CA LEU B 246 33.91 -4.18 3.95
C LEU B 246 32.45 -4.31 4.37
N ASP B 247 31.58 -3.52 3.73
CA ASP B 247 30.17 -3.46 4.12
C ASP B 247 29.47 -4.68 3.55
N LEU B 248 29.34 -5.71 4.38
CA LEU B 248 28.71 -6.97 4.02
C LEU B 248 27.20 -6.94 4.22
N SER B 249 26.61 -5.75 4.38
CA SER B 249 25.18 -5.66 4.64
C SER B 249 24.38 -6.25 3.49
N GLY B 250 24.86 -6.10 2.27
CA GLY B 250 24.26 -6.73 1.11
C GLY B 250 24.77 -8.12 0.83
N SER B 251 25.82 -8.55 1.51
CA SER B 251 26.41 -9.86 1.24
C SER B 251 25.48 -10.99 1.64
N VAL B 252 25.38 -11.99 0.78
CA VAL B 252 24.63 -13.20 1.13
C VAL B 252 25.50 -14.22 1.87
N LEU B 253 26.82 -14.07 1.83
CA LEU B 253 27.74 -14.99 2.50
C LEU B 253 28.24 -14.44 3.83
N ARG B 254 27.72 -13.30 4.28
CA ARG B 254 28.24 -12.64 5.47
C ARG B 254 28.10 -13.54 6.69
N SER B 255 29.15 -13.54 7.51
CA SER B 255 29.15 -14.37 8.72
C SER B 255 28.15 -13.86 9.74
N VAL B 256 27.47 -14.80 10.40
CA VAL B 256 26.50 -14.48 11.42
C VAL B 256 27.22 -14.09 12.71
N SER B 257 26.55 -13.29 13.54
CA SER B 257 27.09 -12.97 14.85
C SER B 257 27.14 -14.24 15.71
N PRO B 258 28.11 -14.32 16.62
CA PRO B 258 28.26 -15.54 17.44
C PRO B 258 27.04 -15.91 18.26
N CYS B 259 26.28 -14.92 18.74
CA CYS B 259 25.14 -15.23 19.62
C CYS B 259 24.07 -16.01 18.90
N HIS B 260 23.81 -15.66 17.64
CA HIS B 260 22.78 -16.36 16.88
C HIS B 260 23.21 -17.79 16.58
N ILE B 261 24.49 -18.00 16.27
CA ILE B 261 24.97 -19.37 16.04
C ILE B 261 24.93 -20.17 17.34
N GLU B 262 25.18 -19.53 18.48
CA GLU B 262 25.08 -20.24 19.75
C GLU B 262 23.64 -20.65 20.04
N TYR B 263 22.69 -19.79 19.67
CA TYR B 263 21.28 -20.17 19.81
C TYR B 263 20.93 -21.31 18.85
N LEU B 264 21.48 -21.27 17.64
CA LEU B 264 21.23 -22.36 16.69
C LEU B 264 21.77 -23.68 17.23
N HIS B 265 22.90 -23.64 17.91
CA HIS B 265 23.38 -24.84 18.61
C HIS B 265 22.46 -25.20 19.77
N ASN B 266 21.90 -24.17 20.44
CA ASN B 266 21.09 -24.40 21.63
C ASN B 266 19.79 -25.14 21.31
N MET B 267 19.21 -24.91 20.14
CA MET B 267 18.01 -25.66 19.78
C MET B 267 18.20 -26.56 18.57
N GLY B 268 19.42 -26.71 18.09
CA GLY B 268 19.80 -27.85 17.28
C GLY B 268 19.44 -27.80 15.80
N VAL B 269 18.91 -26.68 15.31
CA VAL B 269 18.65 -26.53 13.89
C VAL B 269 19.95 -26.11 13.20
N LYS B 270 20.42 -26.94 12.27
CA LYS B 270 21.74 -26.76 11.68
C LYS B 270 21.72 -26.04 10.34
N ALA B 271 20.54 -25.63 9.87
CA ALA B 271 20.43 -24.86 8.63
C ALA B 271 19.18 -23.99 8.72
N SER B 272 19.29 -22.74 8.28
CA SER B 272 18.20 -21.81 8.45
C SER B 272 18.07 -20.89 7.25
N MET B 273 16.83 -20.50 6.97
CA MET B 273 16.51 -19.49 5.97
C MET B 273 15.43 -18.59 6.54
N SER B 274 15.44 -17.32 6.11
CA SER B 274 14.45 -16.36 6.56
C SER B 274 14.09 -15.43 5.41
N ILE B 275 12.80 -15.14 5.30
CA ILE B 275 12.26 -14.21 4.31
C ILE B 275 11.69 -13.02 5.07
N SER B 276 12.20 -11.83 4.79
CA SER B 276 11.69 -10.63 5.47
C SER B 276 10.33 -10.27 4.91
N ILE B 277 9.36 -10.08 5.80
CA ILE B 277 8.08 -9.47 5.45
C ILE B 277 8.14 -8.01 5.88
N ILE B 278 7.83 -7.10 4.97
CA ILE B 278 8.07 -5.68 5.18
C ILE B 278 6.82 -4.90 4.82
N LYS B 279 6.47 -3.93 5.67
CA LYS B 279 5.37 -3.01 5.40
C LYS B 279 5.75 -1.63 5.92
N ASN B 280 5.53 -0.61 5.09
CA ASN B 280 5.86 0.78 5.42
C ASN B 280 7.33 0.90 5.80
N ASN B 281 8.18 0.17 5.08
CA ASN B 281 9.63 0.13 5.32
C ASN B 281 9.96 -0.31 6.75
N LYS B 282 9.08 -1.05 7.39
CA LYS B 282 9.32 -1.61 8.71
C LYS B 282 9.17 -3.13 8.62
N LEU B 283 9.99 -3.85 9.38
CA LEU B 283 9.95 -5.30 9.37
C LEU B 283 8.67 -5.76 10.04
N TRP B 284 7.64 -6.04 9.24
CA TRP B 284 6.37 -6.50 9.77
C TRP B 284 6.45 -7.90 10.35
N GLY B 285 7.43 -8.70 9.93
CA GLY B 285 7.54 -10.05 10.41
C GLY B 285 8.69 -10.77 9.75
N LEU B 286 8.79 -12.06 10.04
CA LEU B 286 9.83 -12.89 9.44
C LEU B 286 9.30 -14.29 9.21
N ILE B 287 9.67 -14.88 8.07
CA ILE B 287 9.33 -16.27 7.77
C ILE B 287 10.56 -17.08 8.07
N ALA B 288 10.63 -17.62 9.29
CA ALA B 288 11.80 -18.38 9.71
C ALA B 288 11.70 -19.82 9.20
N CYS B 289 12.74 -20.25 8.49
CA CYS B 289 12.89 -21.63 8.06
C CYS B 289 13.99 -22.30 8.87
N HIS B 290 13.77 -23.56 9.22
CA HIS B 290 14.67 -24.32 10.07
C HIS B 290 14.79 -25.73 9.54
N HIS B 291 16.00 -26.28 9.59
CA HIS B 291 16.28 -27.62 9.09
C HIS B 291 17.19 -28.34 10.06
N GLN B 292 16.85 -29.59 10.38
CA GLN B 292 17.71 -30.39 11.25
C GLN B 292 19.01 -30.75 10.53
N THR B 293 18.90 -31.25 9.31
CA THR B 293 20.04 -31.53 8.45
C THR B 293 20.55 -30.25 7.81
N PRO B 294 21.82 -30.22 7.40
CA PRO B 294 22.30 -29.08 6.61
C PRO B 294 21.56 -28.98 5.29
N LYS B 295 21.34 -27.75 4.83
CA LYS B 295 20.62 -27.49 3.59
C LYS B 295 21.28 -26.34 2.86
N TYR B 296 21.40 -26.47 1.55
CA TYR B 296 22.04 -25.48 0.69
C TYR B 296 21.02 -25.05 -0.37
N VAL B 297 20.24 -24.02 -0.06
CA VAL B 297 19.18 -23.58 -0.97
C VAL B 297 19.81 -22.92 -2.20
N PRO B 298 19.48 -23.37 -3.40
CA PRO B 298 20.01 -22.74 -4.61
C PRO B 298 19.43 -21.35 -4.81
N TYR B 299 20.17 -20.54 -5.57
CA TYR B 299 19.77 -19.15 -5.78
C TYR B 299 18.42 -19.04 -6.45
N GLU B 300 18.05 -20.02 -7.28
CA GLU B 300 16.74 -19.95 -7.94
C GLU B 300 15.61 -20.11 -6.94
N ILE B 301 15.67 -21.14 -6.10
CA ILE B 301 14.66 -21.29 -5.06
C ILE B 301 14.73 -20.14 -4.06
N ARG B 302 15.94 -19.61 -3.82
CA ARG B 302 16.09 -18.48 -2.92
C ARG B 302 15.35 -17.26 -3.44
N HIS B 303 15.58 -16.90 -4.71
CA HIS B 303 14.92 -15.76 -5.30
C HIS B 303 13.43 -15.98 -5.43
N ALA B 304 12.99 -17.21 -5.65
CA ALA B 304 11.55 -17.48 -5.69
C ALA B 304 10.92 -17.25 -4.33
N CYS B 305 11.56 -17.73 -3.25
CA CYS B 305 11.04 -17.46 -1.91
C CYS B 305 11.08 -15.98 -1.57
N GLU B 306 12.09 -15.25 -2.06
CA GLU B 306 12.16 -13.82 -1.79
C GLU B 306 11.02 -13.08 -2.50
N PHE B 307 10.73 -13.45 -3.75
CA PHE B 307 9.59 -12.86 -4.43
C PHE B 307 8.27 -13.24 -3.75
N LEU B 308 8.18 -14.46 -3.22
CA LEU B 308 7.00 -14.84 -2.47
C LEU B 308 6.86 -14.00 -1.21
N GLY B 309 7.98 -13.64 -0.60
CA GLY B 309 7.92 -12.77 0.57
C GLY B 309 7.48 -11.37 0.21
N GLN B 310 7.92 -10.88 -0.95
CA GLN B 310 7.45 -9.58 -1.42
C GLN B 310 5.95 -9.59 -1.67
N VAL B 311 5.45 -10.66 -2.31
CA VAL B 311 4.03 -10.77 -2.57
C VAL B 311 3.25 -10.86 -1.26
N THR B 312 3.78 -11.60 -0.30
CA THR B 312 3.14 -11.72 1.01
C THR B 312 3.10 -10.38 1.72
N SER B 313 4.16 -9.58 1.58
CA SER B 313 4.19 -8.28 2.22
C SER B 313 3.13 -7.36 1.64
N LEU B 314 3.05 -7.31 0.31
CA LEU B 314 2.04 -6.45 -0.31
C LEU B 314 0.62 -6.93 0.00
N GLU B 315 0.42 -8.25 0.08
CA GLU B 315 -0.91 -8.76 0.39
C GLU B 315 -1.30 -8.44 1.82
N ILE B 316 -0.38 -8.61 2.77
CA ILE B 316 -0.70 -8.31 4.16
C ILE B 316 -0.97 -6.81 4.34
N ALA B 317 -0.22 -5.97 3.63
CA ALA B 317 -0.47 -4.54 3.72
C ALA B 317 -1.85 -4.20 3.16
N THR B 318 -2.23 -4.83 2.05
CA THR B 318 -3.55 -4.56 1.47
C THR B 318 -4.65 -5.01 2.42
N LYS B 319 -4.51 -6.19 3.02
CA LYS B 319 -5.54 -6.69 3.91
C LYS B 319 -5.70 -5.79 5.13
N GLU B 320 -4.58 -5.40 5.75
CA GLU B 320 -4.67 -4.59 6.96
C GLU B 320 -5.23 -3.22 6.66
N ASP B 321 -4.85 -2.63 5.51
CA ASP B 321 -5.37 -1.31 5.17
C ASP B 321 -6.85 -1.35 4.87
N ASN B 322 -7.31 -2.37 4.14
CA ASN B 322 -8.73 -2.48 3.86
C ASN B 322 -9.54 -2.75 5.13
N GLU B 323 -8.99 -3.53 6.06
CA GLU B 323 -9.71 -3.78 7.31
C GLU B 323 -9.81 -2.50 8.15
N ASP B 324 -8.72 -1.71 8.19
CA ASP B 324 -8.80 -0.44 8.90
C ASP B 324 -9.78 0.51 8.25
N SER B 325 -9.85 0.50 6.91
CA SER B 325 -10.79 1.37 6.22
C SER B 325 -12.23 0.95 6.50
N GLU B 326 -12.49 -0.36 6.56
CA GLU B 326 -13.84 -0.83 6.86
C GLU B 326 -14.26 -0.46 8.27
N SER B 327 -13.37 -0.68 9.24
CA SER B 327 -13.71 -0.35 10.62
C SER B 327 -13.90 1.15 10.79
N LYS B 328 -13.08 1.95 10.10
CA LYS B 328 -13.21 3.40 10.20
C LYS B 328 -14.52 3.88 9.57
N ILE B 329 -14.91 3.29 8.43
CA ILE B 329 -16.14 3.71 7.78
C ILE B 329 -17.35 3.35 8.63
N GLU B 330 -17.38 2.14 9.19
CA GLU B 330 -18.52 1.80 10.03
C GLU B 330 -18.56 2.62 11.31
N ILE B 331 -17.39 2.99 11.86
CA ILE B 331 -17.40 3.84 13.06
C ILE B 331 -17.90 5.24 12.73
N LYS B 332 -17.55 5.76 11.54
CA LYS B 332 -18.08 7.07 11.15
C LYS B 332 -19.58 7.00 10.90
N SER B 333 -20.07 5.87 10.36
CA SER B 333 -21.50 5.72 10.17
C SER B 333 -22.24 5.66 11.50
N VAL B 334 -21.65 4.99 12.49
CA VAL B 334 -22.27 4.95 13.82
C VAL B 334 -22.30 6.34 14.42
N LEU B 335 -21.22 7.12 14.24
CA LEU B 335 -21.23 8.48 14.77
C LEU B 335 -22.27 9.35 14.08
N ALA B 336 -22.43 9.18 12.76
CA ALA B 336 -23.42 9.98 12.05
C ALA B 336 -24.84 9.63 12.49
N LYS B 337 -25.10 8.34 12.71
CA LYS B 337 -26.41 7.94 13.22
C LYS B 337 -26.65 8.49 14.62
N LEU B 338 -25.60 8.53 15.45
CA LEU B 338 -25.76 9.07 16.79
C LEU B 338 -26.04 10.58 16.75
N VAL B 339 -25.37 11.30 15.85
CA VAL B 339 -25.63 12.73 15.74
C VAL B 339 -27.03 12.99 15.23
N GLU B 340 -27.50 12.17 14.28
CA GLU B 340 -28.87 12.31 13.81
C GLU B 340 -29.89 12.01 14.90
N TYR B 341 -29.56 11.06 15.80
CA TYR B 341 -30.44 10.78 16.92
C TYR B 341 -30.45 11.94 17.91
N MET B 342 -29.28 12.54 18.15
CA MET B 342 -29.23 13.68 19.07
C MET B 342 -29.97 14.88 18.52
N SER B 343 -30.00 15.04 17.20
CA SER B 343 -30.73 16.14 16.59
C SER B 343 -32.22 15.85 16.42
N ALA B 344 -32.66 14.63 16.70
CA ALA B 344 -34.05 14.22 16.51
C ALA B 344 -34.64 13.67 17.81
N GLU B 345 -34.26 14.26 18.95
CA GLU B 345 -34.79 13.86 20.24
C GLU B 345 -34.74 15.05 21.17
N LYS B 346 -35.64 15.06 22.16
CA LYS B 346 -35.73 16.21 23.06
C LYS B 346 -34.46 16.35 23.89
N SER B 347 -33.96 15.25 24.43
CA SER B 347 -32.68 15.22 25.12
C SER B 347 -31.75 14.30 24.35
N PHE B 348 -30.54 14.78 24.06
CA PHE B 348 -29.61 14.01 23.26
C PHE B 348 -29.20 12.72 23.97
N ILE B 349 -29.28 12.67 25.29
CA ILE B 349 -28.94 11.45 26.02
C ILE B 349 -29.88 10.32 25.64
N ASP B 350 -31.17 10.65 25.42
CA ASP B 350 -32.13 9.64 25.01
C ASP B 350 -31.90 9.16 23.58
N GLY B 351 -31.34 10.01 22.72
CA GLY B 351 -30.96 9.55 21.39
C GLY B 351 -29.65 8.79 21.35
N LEU B 352 -28.78 9.02 22.34
CA LEU B 352 -27.53 8.30 22.41
C LEU B 352 -27.69 6.93 23.07
N ILE B 353 -28.59 6.82 24.04
CA ILE B 353 -28.71 5.59 24.83
C ILE B 353 -29.83 4.71 24.28
N ASN B 354 -31.05 5.23 24.29
CA ASN B 354 -32.22 4.40 23.99
C ASN B 354 -32.21 3.91 22.54
N LYS B 355 -31.74 4.73 21.61
CA LYS B 355 -31.78 4.37 20.20
C LYS B 355 -30.66 3.40 19.86
N GLN B 356 -30.88 2.62 18.80
CA GLN B 356 -29.89 1.70 18.27
C GLN B 356 -29.55 2.08 16.84
N PRO B 357 -28.26 2.22 16.48
CA PRO B 357 -27.05 2.05 17.30
C PRO B 357 -26.96 3.06 18.45
N ASN B 358 -26.42 2.66 19.59
CA ASN B 358 -26.33 3.55 20.74
C ASN B 358 -24.89 4.02 20.91
N ILE B 359 -24.62 4.64 22.06
CA ILE B 359 -23.30 5.16 22.35
C ILE B 359 -22.27 4.04 22.50
N LEU B 360 -22.70 2.83 22.87
CA LEU B 360 -21.78 1.70 22.96
C LEU B 360 -21.20 1.32 21.59
N ASN B 361 -21.96 1.52 20.53
CA ASN B 361 -21.49 1.17 19.19
C ASN B 361 -20.32 2.04 18.74
N LEU B 362 -20.14 3.20 19.36
CA LEU B 362 -19.16 4.15 18.86
C LEU B 362 -17.73 3.70 19.14
N VAL B 363 -17.47 3.21 20.36
CA VAL B 363 -16.11 2.83 20.76
C VAL B 363 -16.00 1.35 21.07
N ASN B 364 -17.04 0.56 20.75
CA ASN B 364 -17.06 -0.88 21.03
C ASN B 364 -16.92 -1.17 22.53
N ALA B 365 -17.63 -0.39 23.34
CA ALA B 365 -17.70 -0.62 24.78
C ALA B 365 -18.93 -1.46 25.13
N GLN B 366 -18.88 -2.09 26.30
CA GLN B 366 -19.99 -2.86 26.82
C GLN B 366 -20.75 -2.14 27.92
N GLY B 367 -20.28 -0.98 28.35
CA GLY B 367 -21.01 -0.18 29.33
C GLY B 367 -20.80 1.29 29.07
N ALA B 368 -21.74 2.09 29.55
CA ALA B 368 -21.66 3.52 29.35
C ALA B 368 -22.39 4.25 30.47
N ALA B 369 -21.93 5.46 30.75
CA ALA B 369 -22.53 6.29 31.80
C ALA B 369 -22.36 7.75 31.39
N ILE B 370 -23.47 8.42 31.10
CA ILE B 370 -23.47 9.84 30.79
C ILE B 370 -23.81 10.60 32.07
N CYS B 371 -22.84 11.33 32.60
CA CYS B 371 -23.04 12.13 33.80
C CYS B 371 -23.37 13.58 33.44
N GLU B 375 -25.36 14.50 37.34
CA GLU B 375 -26.32 13.42 37.24
C GLU B 375 -25.69 12.14 36.70
N LEU B 376 -26.53 11.22 36.23
CA LEU B 376 -26.03 9.96 35.72
C LEU B 376 -27.10 9.26 34.88
N TYR B 377 -26.64 8.57 33.83
CA TYR B 377 -27.51 7.75 33.00
C TYR B 377 -26.69 6.54 32.54
N LEU B 378 -27.04 5.36 33.03
CA LEU B 378 -26.32 4.13 32.76
C LEU B 378 -26.87 3.43 31.52
N LEU B 379 -26.01 2.62 30.89
CA LEU B 379 -26.39 1.84 29.71
C LEU B 379 -25.52 0.61 29.63
N GLY B 380 -26.13 -0.58 29.67
CA GLY B 380 -25.38 -1.81 29.54
C GLY B 380 -24.67 -2.22 30.82
N ASN B 381 -23.72 -3.14 30.66
CA ASN B 381 -22.96 -3.68 31.79
C ASN B 381 -22.02 -2.62 32.34
N THR B 382 -22.45 -1.91 33.37
CA THR B 382 -21.73 -0.79 33.95
C THR B 382 -21.55 -1.01 35.44
N PRO B 383 -20.52 -0.39 36.04
CA PRO B 383 -20.42 -0.43 37.50
C PRO B 383 -21.63 0.24 38.13
N GLU B 384 -22.04 -0.31 39.27
CA GLU B 384 -23.26 0.12 39.94
C GLU B 384 -23.10 1.54 40.49
N LYS B 385 -24.24 2.18 40.73
CA LYS B 385 -24.24 3.53 41.29
C LYS B 385 -23.47 3.55 42.61
N GLN B 386 -22.80 4.67 42.86
CA GLN B 386 -21.85 4.91 43.95
C GLN B 386 -20.47 4.36 43.59
N ASP B 387 -20.41 3.25 42.84
CA ASP B 387 -19.14 2.86 42.24
C ASP B 387 -18.78 3.81 41.10
N ILE B 388 -19.73 4.02 40.18
CA ILE B 388 -19.53 5.00 39.11
C ILE B 388 -19.45 6.41 39.69
N GLN B 389 -20.12 6.67 40.81
CA GLN B 389 -19.98 7.97 41.45
C GLN B 389 -18.56 8.17 42.00
N ASN B 390 -17.98 7.13 42.60
CA ASN B 390 -16.59 7.24 43.04
C ASN B 390 -15.64 7.35 41.86
N LEU B 391 -15.97 6.70 40.74
CA LEU B 391 -15.15 6.85 39.54
C LEU B 391 -15.19 8.27 39.01
N LEU B 392 -16.38 8.89 39.02
CA LEU B 392 -16.48 10.30 38.63
C LEU B 392 -15.76 11.21 39.63
N LEU B 393 -15.76 10.84 40.90
CA LEU B 393 -15.02 11.62 41.89
C LEU B 393 -13.53 11.58 41.61
N TRP B 394 -12.98 10.38 41.37
CA TRP B 394 -11.57 10.26 41.04
C TRP B 394 -11.25 10.94 39.71
N ILE B 395 -12.20 10.93 38.77
CA ILE B 395 -11.97 11.57 37.48
C ILE B 395 -11.88 13.07 37.64
N HIS B 396 -12.83 13.67 38.35
CA HIS B 396 -12.77 15.12 38.58
C HIS B 396 -11.57 15.50 39.43
N ASN B 397 -11.14 14.65 40.35
CA ASN B 397 -10.02 14.99 41.21
C ASN B 397 -8.67 14.79 40.54
N ASN B 398 -8.58 13.91 39.56
CA ASN B 398 -7.29 13.51 39.01
C ASN B 398 -7.14 13.76 37.53
N ILE B 399 -8.05 13.24 36.70
CA ILE B 399 -7.87 13.34 35.26
C ILE B 399 -7.92 14.81 34.84
N ASP B 400 -7.10 15.17 33.86
CA ASP B 400 -6.88 16.57 33.49
C ASP B 400 -6.77 16.69 31.98
N GLU B 401 -7.69 16.06 31.26
CA GLU B 401 -7.70 16.07 29.80
C GLU B 401 -9.15 16.08 29.32
N ASP B 402 -9.32 16.52 28.08
CA ASP B 402 -10.66 16.46 27.47
C ASP B 402 -11.09 15.01 27.23
N ILE B 403 -10.16 14.11 26.97
CA ILE B 403 -10.46 12.71 26.74
C ILE B 403 -9.34 11.87 27.33
N PHE B 404 -9.72 10.76 27.96
CA PHE B 404 -8.78 9.88 28.65
C PHE B 404 -9.22 8.45 28.44
N TYR B 405 -8.27 7.53 28.37
CA TYR B 405 -8.62 6.13 28.16
C TYR B 405 -7.50 5.26 28.69
N THR B 406 -7.89 4.07 29.15
CA THR B 406 -6.93 3.08 29.59
C THR B 406 -7.57 1.70 29.53
N ASP B 407 -6.78 0.70 29.14
CA ASP B 407 -7.26 -0.68 29.13
C ASP B 407 -7.19 -1.34 30.50
N SER B 408 -6.57 -0.67 31.48
CA SER B 408 -6.47 -1.19 32.85
C SER B 408 -6.73 -0.01 33.80
N LEU B 409 -8.01 0.25 34.07
CA LEU B 409 -8.36 1.35 34.96
C LEU B 409 -7.87 1.11 36.38
N SER B 410 -7.82 -0.15 36.82
CA SER B 410 -7.50 -0.45 38.21
C SER B 410 -6.07 -0.07 38.58
N GLN B 411 -5.14 -0.13 37.63
CA GLN B 411 -3.75 0.15 37.97
C GLN B 411 -3.46 1.64 38.09
N VAL B 412 -4.35 2.52 37.63
CA VAL B 412 -4.27 3.95 37.91
C VAL B 412 -5.32 4.39 38.90
N TYR B 413 -6.19 3.49 39.35
CA TYR B 413 -7.29 3.77 40.27
C TYR B 413 -7.66 2.47 40.96
N PRO B 414 -7.06 2.17 42.11
CA PRO B 414 -7.20 0.82 42.71
C PRO B 414 -8.64 0.42 43.00
N GLU B 415 -9.52 1.36 43.32
CA GLU B 415 -10.89 1.03 43.65
C GLU B 415 -11.56 0.26 42.50
N ALA B 416 -11.13 0.51 41.26
CA ALA B 416 -11.72 -0.17 40.11
C ALA B 416 -11.57 -1.68 40.19
N GLU B 417 -10.63 -2.17 40.98
CA GLU B 417 -10.48 -3.62 41.14
C GLU B 417 -11.77 -4.26 41.62
N LYS B 418 -12.57 -3.54 42.41
CA LYS B 418 -13.82 -4.12 42.89
C LYS B 418 -14.81 -4.36 41.76
N PHE B 419 -14.74 -3.58 40.68
CA PHE B 419 -15.63 -3.74 39.54
C PHE B 419 -14.86 -3.96 38.24
N LYS B 420 -13.69 -4.62 38.33
CA LYS B 420 -12.93 -4.94 37.13
C LYS B 420 -13.70 -5.87 36.21
N ASP B 421 -14.64 -6.65 36.74
CA ASP B 421 -15.38 -7.60 35.93
C ASP B 421 -16.24 -6.91 34.88
N VAL B 422 -16.68 -5.67 35.15
CA VAL B 422 -17.49 -4.93 34.20
C VAL B 422 -16.80 -3.69 33.66
N ALA B 423 -15.78 -3.15 34.35
CA ALA B 423 -15.14 -1.91 33.94
C ALA B 423 -13.64 -1.99 34.25
N SER B 424 -12.91 -2.79 33.47
CA SER B 424 -11.46 -2.74 33.52
C SER B 424 -10.87 -1.72 32.55
N GLY B 425 -11.52 -1.53 31.40
CA GLY B 425 -11.12 -0.52 30.44
C GLY B 425 -12.10 0.64 30.48
N LEU B 426 -11.57 1.86 30.43
CA LEU B 426 -12.37 3.05 30.61
C LEU B 426 -11.99 4.10 29.58
N ILE B 427 -13.01 4.82 29.09
CA ILE B 427 -12.84 6.05 28.34
C ILE B 427 -13.63 7.13 29.05
N ALA B 428 -12.93 8.10 29.62
CA ALA B 428 -13.54 9.28 30.24
C ALA B 428 -13.57 10.41 29.22
N LEU B 429 -14.79 10.85 28.88
CA LEU B 429 -14.99 11.95 27.93
C LEU B 429 -15.43 13.18 28.71
N SER B 430 -14.54 14.16 28.80
CA SER B 430 -14.80 15.38 29.56
C SER B 430 -15.52 16.38 28.66
N ILE B 431 -16.86 16.25 28.59
CA ILE B 431 -17.64 17.22 27.83
C ILE B 431 -17.57 18.60 28.49
N SER B 432 -17.52 18.64 29.82
CA SER B 432 -17.44 19.90 30.55
C SER B 432 -16.76 19.59 31.89
N LYS B 433 -15.46 19.87 31.94
CA LYS B 433 -14.67 19.54 33.13
C LYS B 433 -15.12 20.33 34.35
N THR B 434 -15.61 21.56 34.17
CA THR B 434 -15.92 22.42 35.29
C THR B 434 -17.21 22.01 35.99
N GLN B 435 -18.30 21.89 35.24
CA GLN B 435 -19.59 21.50 35.79
C GLN B 435 -19.81 20.00 35.80
N ASN B 436 -18.79 19.22 35.45
CA ASN B 436 -18.81 17.77 35.52
C ASN B 436 -19.88 17.16 34.62
N LYS B 437 -19.79 17.50 33.33
CA LYS B 437 -20.53 16.79 32.29
C LYS B 437 -19.57 15.81 31.64
N TYR B 438 -19.83 14.52 31.83
CA TYR B 438 -18.91 13.46 31.42
C TYR B 438 -19.64 12.38 30.64
N VAL B 439 -18.87 11.63 29.86
CA VAL B 439 -19.34 10.40 29.22
C VAL B 439 -18.27 9.35 29.44
N LEU B 440 -18.65 8.24 30.07
CA LEU B 440 -17.73 7.15 30.38
C LEU B 440 -18.12 5.89 29.63
N TRP B 441 -17.13 5.22 29.05
CA TRP B 441 -17.30 3.91 28.45
C TRP B 441 -16.59 2.86 29.30
N PHE B 442 -17.10 1.63 29.27
CA PHE B 442 -16.61 0.56 30.12
C PHE B 442 -16.45 -0.72 29.31
N ARG B 443 -15.35 -1.43 29.58
CA ARG B 443 -15.06 -2.74 29.03
C ARG B 443 -14.72 -3.71 30.15
N PRO B 444 -15.15 -4.96 30.04
CA PRO B 444 -14.79 -5.96 31.05
C PRO B 444 -13.33 -6.37 30.95
N GLU B 445 -12.83 -6.90 32.05
CA GLU B 445 -11.51 -7.53 32.02
C GLU B 445 -11.53 -8.72 31.05
N GLU B 446 -10.49 -8.81 30.24
CA GLU B 446 -10.25 -9.98 29.40
C GLU B 446 -8.91 -10.58 29.83
N VAL B 447 -8.97 -11.68 30.58
CA VAL B 447 -7.75 -12.34 31.03
C VAL B 447 -7.01 -12.92 29.84
N GLN B 448 -5.73 -12.61 29.74
CA GLN B 448 -4.88 -13.11 28.66
C GLN B 448 -3.86 -14.08 29.23
N THR B 449 -3.51 -15.09 28.44
CA THR B 449 -2.54 -16.11 28.82
C THR B 449 -1.42 -16.07 27.79
N VAL B 450 -0.44 -15.21 28.01
CA VAL B 450 0.63 -15.03 27.04
C VAL B 450 1.65 -16.14 27.26
N ASN B 451 1.69 -17.09 26.34
CA ASN B 451 2.63 -18.21 26.42
C ASN B 451 3.96 -17.78 25.84
N TRP B 452 4.92 -17.47 26.70
CA TRP B 452 6.22 -16.97 26.27
C TRP B 452 7.19 -18.13 26.01
N GLY B 453 8.05 -17.94 25.00
CA GLY B 453 9.19 -18.80 24.81
C GLY B 453 10.40 -18.44 25.64
N GLY B 454 10.33 -17.31 26.34
CA GLY B 454 11.42 -16.89 27.22
C GLY B 454 11.05 -15.59 27.91
N ASN B 455 11.87 -15.24 28.90
CA ASN B 455 11.63 -14.04 29.69
C ASN B 455 11.94 -12.78 28.88
N GLU B 477 12.39 -21.96 27.66
CA GLU B 477 11.22 -22.79 27.44
C GLU B 477 9.95 -22.03 27.75
N LEU B 478 8.89 -22.74 28.10
CA LEU B 478 7.59 -22.13 28.33
C LEU B 478 7.64 -21.20 29.54
N TRP B 479 6.92 -20.09 29.44
CA TRP B 479 6.86 -19.06 30.47
C TRP B 479 5.48 -18.43 30.44
N LYS B 480 4.45 -19.22 30.74
CA LYS B 480 3.09 -18.70 30.66
C LYS B 480 2.91 -17.53 31.63
N GLU B 481 2.34 -16.44 31.13
CA GLU B 481 2.17 -15.22 31.90
C GLU B 481 0.70 -14.86 31.89
N ILE B 482 0.09 -14.83 33.06
CA ILE B 482 -1.31 -14.47 33.19
C ILE B 482 -1.41 -12.97 33.32
N VAL B 483 -2.25 -12.35 32.48
CA VAL B 483 -2.49 -10.92 32.48
C VAL B 483 -3.95 -10.70 32.83
N ARG B 484 -4.19 -9.98 33.92
CA ARG B 484 -5.55 -9.65 34.34
C ARG B 484 -5.63 -8.17 34.67
N LEU B 485 -6.77 -7.72 35.18
CA LEU B 485 -7.04 -6.31 35.47
C LEU B 485 -6.90 -5.44 34.23
N LYS B 486 -7.04 -6.02 33.04
CA LYS B 486 -6.78 -5.32 31.80
C LYS B 486 -7.80 -5.76 30.76
N SER B 487 -8.52 -4.80 30.19
CA SER B 487 -9.50 -5.08 29.16
C SER B 487 -8.83 -5.19 27.80
N LEU B 488 -9.64 -5.37 26.75
CA LEU B 488 -9.11 -5.34 25.40
C LEU B 488 -8.60 -3.94 25.08
N PRO B 489 -7.49 -3.82 24.36
CA PRO B 489 -6.92 -2.50 24.08
C PRO B 489 -7.89 -1.64 23.27
N TRP B 490 -7.89 -0.34 23.56
CA TRP B 490 -8.72 0.60 22.81
C TRP B 490 -8.07 0.86 21.46
N LYS B 491 -8.82 0.65 20.38
CA LYS B 491 -8.34 1.05 19.07
C LYS B 491 -8.38 2.56 18.93
N SER B 492 -7.42 3.10 18.17
CA SER B 492 -7.27 4.56 18.09
C SER B 492 -8.49 5.22 17.48
N TYR B 493 -9.12 4.57 16.49
CA TYR B 493 -10.30 5.18 15.88
C TYR B 493 -11.49 5.19 16.84
N GLU B 494 -11.52 4.29 17.82
CA GLU B 494 -12.59 4.36 18.83
C GLU B 494 -12.43 5.59 19.71
N VAL B 495 -11.21 5.90 20.14
CA VAL B 495 -10.98 7.12 20.91
C VAL B 495 -11.25 8.35 20.06
N ASN B 496 -10.93 8.27 18.75
CA ASN B 496 -11.26 9.37 17.86
C ASN B 496 -12.75 9.58 17.76
N ALA B 497 -13.50 8.47 17.68
CA ALA B 497 -14.96 8.57 17.65
C ALA B 497 -15.51 9.13 18.95
N ALA B 498 -14.87 8.83 20.08
CA ALA B 498 -15.33 9.40 21.34
C ALA B 498 -15.12 10.91 21.38
N ALA B 499 -13.95 11.38 20.91
CA ALA B 499 -13.72 12.82 20.90
C ALA B 499 -14.64 13.53 19.91
N GLU B 500 -14.87 12.92 18.74
CA GLU B 500 -15.82 13.49 17.80
C GLU B 500 -17.24 13.49 18.36
N LEU B 501 -17.59 12.48 19.16
CA LEU B 501 -18.88 12.49 19.83
C LEU B 501 -18.97 13.65 20.82
N ARG B 502 -17.87 13.95 21.52
CA ARG B 502 -17.89 15.11 22.40
C ARG B 502 -18.14 16.39 21.63
N GLY B 503 -17.49 16.54 20.48
CA GLY B 503 -17.67 17.75 19.70
C GLY B 503 -19.08 17.87 19.13
N ALA B 504 -19.62 16.76 18.62
CA ALA B 504 -20.98 16.78 18.10
C ALA B 504 -22.01 17.00 19.21
N ILE B 505 -21.73 16.48 20.41
CA ILE B 505 -22.63 16.74 21.53
C ILE B 505 -22.64 18.22 21.87
N ILE B 506 -21.47 18.84 21.93
CA ILE B 506 -21.43 20.26 22.25
C ILE B 506 -22.12 21.08 21.15
N THR B 507 -21.99 20.65 19.90
CA THR B 507 -22.64 21.38 18.81
C THR B 507 -24.16 21.29 18.91
N VAL B 508 -24.69 20.08 19.08
CA VAL B 508 -26.13 19.93 19.20
C VAL B 508 -26.65 20.58 20.48
N VAL B 509 -25.84 20.63 21.54
CA VAL B 509 -26.26 21.28 22.77
C VAL B 509 -26.36 22.80 22.58
N LEU B 510 -25.38 23.38 21.87
CA LEU B 510 -25.47 24.81 21.59
C LEU B 510 -26.49 25.13 20.51
N ARG B 511 -26.97 24.13 19.77
CA ARG B 511 -28.15 24.33 18.94
C ARG B 511 -29.37 24.68 19.81
N LYS B 512 -29.39 24.21 21.05
CA LYS B 512 -30.45 24.54 21.99
C LYS B 512 -30.20 25.89 22.64
#